data_3DLI
#
_entry.id   3DLI
#
_cell.length_a   75.154
_cell.length_b   81.880
_cell.length_c   122.797
_cell.angle_alpha   90.00
_cell.angle_beta   90.00
_cell.angle_gamma   90.00
#
_symmetry.space_group_name_H-M   'P 21 21 21'
#
loop_
_entity.id
_entity.type
_entity.pdbx_description
1 polymer methyltransferase
2 water water
#
_entity_poly.entity_id   1
_entity_poly.type   'polypeptide(L)'
_entity_poly.pdbx_seq_one_letter_code
;MSLSGTDIHTSDYYFLFEEKFRGSRELVKARLRRYIPYFKGCRRVLDIGCGRGEFLELCKEEGIESIGVDINEDMIKFCE
GKFNVVKSDAIEYLKSLPDKYLDGVMISHFVEHLDPERLFELLSLCYSKMKYSSYIVIESPNPTSLYSLINFYIDPTHKK
PVHPETLKFILEYLGFRDVKIEFFEECEELTKLAKIDSNTVSEEVIRVINENIEKLNRILFGPQDYAIIAKKEGHHHHHH
;
_entity_poly.pdbx_strand_id   A,B,C
#
# COMPACT_ATOMS: atom_id res chain seq x y z
N ASP A 12 15.16 -24.48 -5.01
CA ASP A 12 15.74 -23.12 -4.79
C ASP A 12 14.64 -22.12 -4.47
N TYR A 13 14.97 -21.14 -3.63
CA TYR A 13 14.02 -20.14 -3.16
C TYR A 13 12.95 -19.57 -4.11
N TYR A 14 13.38 -18.78 -5.09
CA TYR A 14 12.46 -18.16 -6.03
C TYR A 14 11.64 -19.11 -6.90
N PHE A 15 12.21 -20.23 -7.31
CA PHE A 15 11.44 -21.22 -8.10
C PHE A 15 10.33 -21.76 -7.20
N LEU A 16 10.71 -22.16 -5.98
CA LEU A 16 9.76 -22.67 -5.00
C LEU A 16 8.70 -21.63 -4.68
N PHE A 17 9.11 -20.37 -4.66
CA PHE A 17 8.22 -19.27 -4.35
C PHE A 17 7.17 -19.09 -5.44
N GLU A 18 7.64 -18.84 -6.66
CA GLU A 18 6.77 -18.62 -7.79
C GLU A 18 5.83 -19.82 -7.96
N GLU A 19 6.40 -21.01 -7.87
CA GLU A 19 5.66 -22.24 -8.02
C GLU A 19 4.44 -22.24 -7.14
N LYS A 20 4.62 -21.77 -5.91
CA LYS A 20 3.54 -21.73 -4.96
C LYS A 20 2.56 -20.58 -5.11
N PHE A 21 3.06 -19.39 -5.39
CA PHE A 21 2.16 -18.24 -5.49
C PHE A 21 1.83 -17.73 -6.87
N ARG A 22 2.52 -18.26 -7.88
CA ARG A 22 2.28 -17.87 -9.26
C ARG A 22 1.55 -19.03 -9.91
N GLY A 23 2.01 -20.25 -9.64
CA GLY A 23 1.42 -21.44 -10.21
C GLY A 23 2.48 -22.18 -11.00
N SER A 24 2.12 -23.30 -11.61
CA SER A 24 3.08 -24.07 -12.40
C SER A 24 3.35 -23.38 -13.74
N ARG A 25 4.39 -23.82 -14.44
CA ARG A 25 4.72 -23.24 -15.75
C ARG A 25 3.61 -23.54 -16.75
N GLU A 26 3.02 -24.72 -16.65
CA GLU A 26 1.93 -25.08 -17.53
C GLU A 26 0.82 -24.08 -17.31
N LEU A 27 0.51 -23.85 -16.04
CA LEU A 27 -0.53 -22.91 -15.66
C LEU A 27 -0.22 -21.53 -16.26
N VAL A 28 0.96 -21.00 -15.94
CA VAL A 28 1.35 -19.69 -16.46
C VAL A 28 1.33 -19.63 -17.97
N LYS A 29 1.87 -20.65 -18.62
CA LYS A 29 1.89 -20.66 -20.06
C LYS A 29 0.47 -20.67 -20.60
N ALA A 30 -0.42 -21.36 -19.90
CA ALA A 30 -1.81 -21.42 -20.33
C ALA A 30 -2.36 -20.00 -20.40
N ARG A 31 -2.08 -19.21 -19.36
CA ARG A 31 -2.54 -17.83 -19.29
C ARG A 31 -1.95 -16.94 -20.40
N LEU A 32 -0.71 -17.21 -20.79
CA LEU A 32 -0.06 -16.39 -21.82
C LEU A 32 -0.56 -16.63 -23.26
N ARG A 33 -1.24 -17.76 -23.47
CA ARG A 33 -1.79 -18.11 -24.77
C ARG A 33 -2.53 -16.96 -25.45
N ARG A 34 -3.38 -16.28 -24.68
CA ARG A 34 -4.16 -15.17 -25.20
C ARG A 34 -3.40 -14.08 -25.97
N TYR A 35 -2.12 -13.88 -25.64
CA TYR A 35 -1.33 -12.82 -26.26
C TYR A 35 -0.54 -13.17 -27.53
N ILE A 36 -0.53 -14.44 -27.90
CA ILE A 36 0.19 -14.89 -29.09
C ILE A 36 -0.26 -14.16 -30.35
N PRO A 37 -1.58 -13.92 -30.50
CA PRO A 37 -2.02 -13.23 -31.72
C PRO A 37 -1.25 -11.92 -32.00
N TYR A 38 -0.75 -11.27 -30.95
CA TYR A 38 -0.03 -10.00 -31.14
C TYR A 38 1.39 -10.19 -31.56
N PHE A 39 1.84 -11.44 -31.66
CA PHE A 39 3.22 -11.70 -32.04
C PHE A 39 3.39 -12.76 -33.11
N LYS A 40 2.30 -13.28 -33.64
CA LYS A 40 2.38 -14.30 -34.68
C LYS A 40 3.38 -13.96 -35.79
N GLY A 41 4.29 -14.90 -36.04
CA GLY A 41 5.32 -14.73 -37.06
C GLY A 41 6.27 -13.55 -36.92
N CYS A 42 6.55 -13.16 -35.67
CA CYS A 42 7.45 -12.06 -35.37
C CYS A 42 8.89 -12.56 -35.34
N ARG A 43 9.84 -11.71 -35.65
CA ARG A 43 11.22 -12.15 -35.70
C ARG A 43 12.11 -11.61 -34.59
N ARG A 44 11.71 -10.49 -33.97
CA ARG A 44 12.49 -9.89 -32.90
C ARG A 44 11.62 -9.51 -31.70
N VAL A 45 11.13 -10.52 -30.99
CA VAL A 45 10.28 -10.27 -29.84
C VAL A 45 11.09 -10.26 -28.55
N LEU A 46 11.02 -9.17 -27.81
CA LEU A 46 11.77 -9.10 -26.57
C LEU A 46 10.90 -9.49 -25.37
N ASP A 47 11.35 -10.51 -24.63
CA ASP A 47 10.65 -10.97 -23.45
C ASP A 47 11.41 -10.39 -22.25
N ILE A 48 10.94 -9.27 -21.72
CA ILE A 48 11.58 -8.60 -20.58
C ILE A 48 11.23 -9.32 -19.29
N GLY A 49 12.26 -9.66 -18.52
CA GLY A 49 12.07 -10.38 -17.27
C GLY A 49 11.43 -11.71 -17.54
N CYS A 50 12.02 -12.46 -18.46
CA CYS A 50 11.49 -13.76 -18.87
C CYS A 50 11.37 -14.84 -17.79
N GLY A 51 12.12 -14.71 -16.69
CA GLY A 51 12.04 -15.69 -15.61
C GLY A 51 12.14 -17.14 -16.03
N ARG A 52 11.10 -17.94 -15.73
CA ARG A 52 11.08 -19.37 -16.08
C ARG A 52 10.97 -19.62 -17.58
N GLY A 53 10.85 -18.56 -18.36
CA GLY A 53 10.76 -18.69 -19.79
C GLY A 53 9.50 -19.34 -20.34
N GLU A 54 8.36 -19.03 -19.74
CA GLU A 54 7.11 -19.59 -20.20
C GLU A 54 6.68 -19.02 -21.56
N PHE A 55 6.95 -17.74 -21.76
CA PHE A 55 6.59 -17.05 -23.01
C PHE A 55 7.53 -17.47 -24.14
N LEU A 56 8.80 -17.66 -23.80
CA LEU A 56 9.81 -18.08 -24.78
C LEU A 56 9.45 -19.46 -25.32
N GLU A 57 8.97 -20.33 -24.42
CA GLU A 57 8.59 -21.67 -24.79
C GLU A 57 7.40 -21.61 -25.73
N LEU A 58 6.43 -20.79 -25.37
CA LEU A 58 5.25 -20.61 -26.19
C LEU A 58 5.71 -20.12 -27.57
N CYS A 59 6.48 -19.04 -27.60
CA CYS A 59 6.97 -18.46 -28.84
C CYS A 59 7.60 -19.48 -29.76
N LYS A 60 8.53 -20.26 -29.22
CA LYS A 60 9.22 -21.28 -29.97
C LYS A 60 8.16 -22.20 -30.57
N GLU A 61 7.20 -22.61 -29.75
CA GLU A 61 6.14 -23.48 -30.21
C GLU A 61 5.34 -22.86 -31.35
N GLU A 62 4.92 -21.61 -31.18
CA GLU A 62 4.12 -20.97 -32.22
C GLU A 62 4.93 -20.48 -33.42
N GLY A 63 6.23 -20.77 -33.42
CA GLY A 63 7.08 -20.35 -34.51
C GLY A 63 7.37 -18.87 -34.50
N ILE A 64 7.65 -18.32 -33.32
CA ILE A 64 7.96 -16.91 -33.19
C ILE A 64 9.39 -16.78 -32.66
N GLU A 65 10.16 -15.86 -33.21
CA GLU A 65 11.54 -15.67 -32.76
C GLU A 65 11.59 -14.63 -31.65
N SER A 66 12.22 -14.99 -30.53
CA SER A 66 12.31 -14.05 -29.41
C SER A 66 13.48 -14.29 -28.46
N ILE A 67 13.87 -13.21 -27.81
CA ILE A 67 14.97 -13.24 -26.84
C ILE A 67 14.42 -12.83 -25.48
N GLY A 68 14.92 -13.45 -24.42
CA GLY A 68 14.46 -13.12 -23.08
C GLY A 68 15.58 -12.53 -22.23
N VAL A 69 15.26 -11.49 -21.45
CA VAL A 69 16.25 -10.86 -20.57
C VAL A 69 15.84 -11.00 -19.12
N ASP A 70 16.83 -11.12 -18.24
CA ASP A 70 16.52 -11.27 -16.83
C ASP A 70 17.76 -11.01 -15.99
N ILE A 71 17.62 -10.13 -15.01
CA ILE A 71 18.72 -9.79 -14.13
C ILE A 71 19.15 -11.00 -13.29
N ASN A 72 18.24 -11.95 -13.07
CA ASN A 72 18.56 -13.14 -12.27
C ASN A 72 19.35 -14.19 -13.01
N GLU A 73 20.50 -14.53 -12.43
CA GLU A 73 21.41 -15.52 -12.97
C GLU A 73 20.83 -16.93 -13.02
N ASP A 74 19.91 -17.24 -12.10
CA ASP A 74 19.34 -18.58 -12.07
C ASP A 74 18.18 -18.75 -13.04
N MET A 75 17.52 -17.65 -13.38
CA MET A 75 16.42 -17.76 -14.32
C MET A 75 17.06 -18.04 -15.68
N ILE A 76 18.24 -17.47 -15.88
CA ILE A 76 18.98 -17.63 -17.11
C ILE A 76 19.59 -19.03 -17.24
N LYS A 77 20.12 -19.57 -16.16
CA LYS A 77 20.65 -20.91 -16.24
C LYS A 77 19.46 -21.81 -16.61
N PHE A 78 18.29 -21.42 -16.10
CA PHE A 78 17.06 -22.16 -16.30
C PHE A 78 16.55 -22.14 -17.76
N CYS A 79 16.76 -21.02 -18.45
CA CYS A 79 16.28 -20.88 -19.82
C CYS A 79 17.30 -21.11 -20.92
N GLU A 80 18.56 -20.77 -20.64
CA GLU A 80 19.65 -20.87 -21.61
C GLU A 80 19.71 -22.13 -22.46
N GLY A 81 19.36 -23.28 -21.89
CA GLY A 81 19.39 -24.53 -22.62
C GLY A 81 18.39 -24.67 -23.77
N LYS A 82 17.17 -24.19 -23.58
CA LYS A 82 16.16 -24.28 -24.64
C LYS A 82 15.93 -22.96 -25.36
N PHE A 83 16.21 -21.84 -24.71
CA PHE A 83 15.94 -20.55 -25.32
C PHE A 83 17.12 -19.56 -25.37
N ASN A 84 16.91 -18.46 -26.08
CA ASN A 84 17.91 -17.40 -26.23
C ASN A 84 17.66 -16.36 -25.17
N VAL A 85 18.58 -16.24 -24.21
CA VAL A 85 18.41 -15.25 -23.17
C VAL A 85 19.72 -14.56 -22.78
N VAL A 86 19.61 -13.31 -22.36
CA VAL A 86 20.75 -12.52 -21.94
C VAL A 86 20.58 -12.01 -20.52
N LYS A 87 21.51 -12.36 -19.65
CA LYS A 87 21.48 -11.90 -18.25
C LYS A 87 21.79 -10.42 -18.31
N SER A 88 20.79 -9.58 -18.08
CA SER A 88 21.02 -8.14 -18.13
C SER A 88 19.92 -7.32 -17.47
N ASP A 89 20.21 -6.04 -17.27
CA ASP A 89 19.23 -5.12 -16.70
C ASP A 89 18.48 -4.75 -17.97
N ALA A 90 17.16 -4.70 -17.89
CA ALA A 90 16.35 -4.38 -19.05
C ALA A 90 16.70 -3.02 -19.67
N ILE A 91 16.58 -1.95 -18.89
CA ILE A 91 16.89 -0.63 -19.40
C ILE A 91 18.26 -0.58 -20.06
N GLU A 92 19.26 -1.13 -19.40
CA GLU A 92 20.60 -1.14 -19.98
C GLU A 92 20.57 -1.92 -21.28
N TYR A 93 20.03 -3.13 -21.25
CA TYR A 93 19.94 -3.97 -22.43
C TYR A 93 19.23 -3.24 -23.56
N LEU A 94 18.23 -2.43 -23.21
CA LEU A 94 17.47 -1.69 -24.23
C LEU A 94 18.35 -0.61 -24.86
N LYS A 95 19.20 0.01 -24.06
CA LYS A 95 20.10 1.03 -24.57
C LYS A 95 21.13 0.38 -25.50
N SER A 96 21.45 -0.89 -25.24
CA SER A 96 22.41 -1.61 -26.08
C SER A 96 21.77 -2.06 -27.38
N LEU A 97 20.59 -1.53 -27.71
CA LEU A 97 19.91 -1.94 -28.93
C LEU A 97 19.70 -0.77 -29.90
N PRO A 98 19.72 -1.07 -31.21
CA PRO A 98 19.53 -0.07 -32.28
C PRO A 98 18.07 0.38 -32.25
N ASP A 99 17.77 1.56 -32.77
CA ASP A 99 16.37 1.96 -32.77
C ASP A 99 15.67 1.17 -33.87
N LYS A 100 14.34 1.23 -33.88
CA LYS A 100 13.55 0.52 -34.89
C LYS A 100 14.00 -0.93 -35.06
N TYR A 101 14.60 -1.49 -34.02
CA TYR A 101 15.08 -2.86 -34.06
C TYR A 101 13.92 -3.80 -33.72
N LEU A 102 13.67 -3.97 -32.42
CA LEU A 102 12.61 -4.84 -31.93
C LEU A 102 11.34 -4.98 -32.76
N ASP A 103 10.77 -6.19 -32.68
CA ASP A 103 9.56 -6.56 -33.41
C ASP A 103 8.36 -6.53 -32.46
N GLY A 104 8.50 -7.17 -31.31
CA GLY A 104 7.44 -7.21 -30.31
C GLY A 104 8.06 -7.13 -28.92
N VAL A 105 7.23 -6.80 -27.93
CA VAL A 105 7.70 -6.69 -26.55
C VAL A 105 6.70 -7.22 -25.52
N MET A 106 7.13 -8.22 -24.75
CA MET A 106 6.29 -8.81 -23.72
C MET A 106 6.89 -8.46 -22.37
N ILE A 107 6.05 -7.92 -21.49
CA ILE A 107 6.45 -7.55 -20.14
C ILE A 107 5.39 -8.12 -19.19
N SER A 108 5.59 -9.38 -18.80
CA SER A 108 4.67 -10.10 -17.93
C SER A 108 5.23 -10.18 -16.52
N HIS A 109 4.51 -9.57 -15.58
CA HIS A 109 4.89 -9.54 -14.17
C HIS A 109 6.32 -9.12 -13.94
N PHE A 110 6.63 -7.93 -14.44
CA PHE A 110 7.97 -7.38 -14.32
C PHE A 110 7.98 -5.98 -13.71
N VAL A 111 7.12 -5.10 -14.22
CA VAL A 111 7.07 -3.71 -13.77
C VAL A 111 6.87 -3.53 -12.27
N GLU A 112 6.15 -4.46 -11.67
CA GLU A 112 5.88 -4.45 -10.24
C GLU A 112 7.18 -4.69 -9.49
N HIS A 113 8.15 -5.32 -10.16
CA HIS A 113 9.45 -5.61 -9.55
C HIS A 113 10.43 -4.52 -9.88
N LEU A 114 9.97 -3.51 -10.59
CA LEU A 114 10.86 -2.43 -11.00
C LEU A 114 10.71 -1.12 -10.24
N ASP A 115 11.85 -0.51 -9.97
CA ASP A 115 11.92 0.77 -9.29
C ASP A 115 10.92 1.67 -10.03
N PRO A 116 9.85 2.11 -9.32
CA PRO A 116 8.86 2.97 -9.99
C PRO A 116 9.45 4.21 -10.63
N GLU A 117 10.62 4.62 -10.14
CA GLU A 117 11.29 5.81 -10.69
C GLU A 117 11.75 5.58 -12.13
N ARG A 118 12.14 4.35 -12.46
CA ARG A 118 12.63 4.04 -13.81
C ARG A 118 11.56 3.52 -14.78
N LEU A 119 10.28 3.68 -14.43
CA LEU A 119 9.21 3.19 -15.28
C LEU A 119 9.04 3.94 -16.61
N PHE A 120 9.24 5.26 -16.58
CA PHE A 120 9.11 6.07 -17.79
C PHE A 120 10.16 5.68 -18.83
N GLU A 121 11.40 5.62 -18.39
CA GLU A 121 12.52 5.28 -19.24
C GLU A 121 12.41 3.91 -19.92
N LEU A 122 11.87 2.93 -19.20
CA LEU A 122 11.71 1.59 -19.76
C LEU A 122 10.84 1.59 -21.01
N LEU A 123 9.64 2.15 -20.86
CA LEU A 123 8.68 2.20 -21.95
C LEU A 123 9.11 3.20 -23.02
N SER A 124 9.92 4.17 -22.61
CA SER A 124 10.41 5.17 -23.53
C SER A 124 11.39 4.49 -24.47
N LEU A 125 12.23 3.64 -23.88
CA LEU A 125 13.22 2.89 -24.65
C LEU A 125 12.52 1.90 -25.57
N CYS A 126 11.47 1.27 -25.06
CA CYS A 126 10.72 0.30 -25.83
C CYS A 126 10.17 0.94 -27.11
N TYR A 127 9.65 2.16 -26.96
CA TYR A 127 9.10 2.85 -28.12
C TYR A 127 10.17 3.07 -29.18
N SER A 128 11.32 3.58 -28.74
CA SER A 128 12.46 3.87 -29.59
C SER A 128 13.11 2.66 -30.24
N LYS A 129 13.10 1.52 -29.54
CA LYS A 129 13.73 0.31 -30.08
C LYS A 129 12.74 -0.58 -30.82
N MET A 130 11.48 -0.17 -30.86
CA MET A 130 10.45 -0.94 -31.56
C MET A 130 10.30 -0.37 -32.97
N LYS A 131 9.93 -1.23 -33.92
CA LYS A 131 9.70 -0.78 -35.29
C LYS A 131 8.20 -0.55 -35.38
N TYR A 132 7.75 0.22 -36.37
CA TYR A 132 6.32 0.51 -36.49
C TYR A 132 5.38 -0.68 -36.57
N SER A 133 4.12 -0.45 -36.21
CA SER A 133 3.04 -1.44 -36.18
C SER A 133 3.35 -2.64 -35.25
N SER A 134 4.22 -2.40 -34.27
CA SER A 134 4.58 -3.42 -33.29
C SER A 134 3.69 -3.31 -32.05
N TYR A 135 3.52 -4.42 -31.35
CA TYR A 135 2.71 -4.43 -30.14
C TYR A 135 3.53 -4.62 -28.87
N ILE A 136 3.11 -3.94 -27.80
CA ILE A 136 3.77 -4.12 -26.52
C ILE A 136 2.66 -4.63 -25.60
N VAL A 137 2.98 -5.66 -24.84
CA VAL A 137 2.02 -6.27 -23.93
C VAL A 137 2.56 -6.28 -22.51
N ILE A 138 1.86 -5.59 -21.60
CA ILE A 138 2.29 -5.52 -20.23
C ILE A 138 1.23 -6.16 -19.35
N GLU A 139 1.60 -7.24 -18.68
CA GLU A 139 0.69 -7.97 -17.81
C GLU A 139 1.20 -7.81 -16.37
N SER A 140 0.33 -7.35 -15.48
CA SER A 140 0.71 -7.13 -14.10
C SER A 140 -0.48 -7.31 -13.15
N PRO A 141 -0.22 -7.59 -11.86
CA PRO A 141 -1.29 -7.76 -10.89
C PRO A 141 -2.19 -6.53 -10.81
N ASN A 142 -3.49 -6.76 -10.64
CA ASN A 142 -4.46 -5.69 -10.55
C ASN A 142 -4.64 -5.16 -9.13
N PRO A 143 -4.22 -3.90 -8.88
CA PRO A 143 -4.32 -3.24 -7.57
C PRO A 143 -5.64 -2.49 -7.38
N THR A 144 -6.49 -2.49 -8.41
CA THR A 144 -7.77 -1.79 -8.37
C THR A 144 -8.89 -2.67 -7.78
N SER A 145 -8.50 -3.85 -7.29
CA SER A 145 -9.43 -4.77 -6.66
C SER A 145 -8.74 -5.19 -5.36
N LEU A 146 -9.45 -5.04 -4.23
CA LEU A 146 -8.90 -5.34 -2.91
C LEU A 146 -8.27 -6.72 -2.76
N TYR A 147 -8.94 -7.73 -3.29
CA TYR A 147 -8.42 -9.08 -3.18
C TYR A 147 -6.98 -9.19 -3.70
N SER A 148 -6.74 -8.76 -4.94
CA SER A 148 -5.40 -8.82 -5.54
C SER A 148 -4.45 -7.87 -4.84
N LEU A 149 -4.92 -6.66 -4.53
CA LEU A 149 -4.11 -5.68 -3.85
C LEU A 149 -3.48 -6.28 -2.60
N ILE A 150 -4.30 -6.98 -1.83
CA ILE A 150 -3.83 -7.64 -0.62
C ILE A 150 -2.76 -8.65 -0.99
N ASN A 151 -3.01 -9.44 -2.03
CA ASN A 151 -2.06 -10.47 -2.42
C ASN A 151 -0.79 -9.96 -3.08
N PHE A 152 -0.77 -8.68 -3.41
CA PHE A 152 0.40 -8.07 -4.02
C PHE A 152 1.53 -8.05 -2.99
N TYR A 153 1.15 -8.05 -1.72
CA TYR A 153 2.13 -8.02 -0.63
C TYR A 153 2.76 -9.35 -0.27
N ILE A 154 2.33 -10.44 -0.90
CA ILE A 154 2.90 -11.74 -0.61
C ILE A 154 4.35 -11.87 -1.12
N ASP A 155 4.62 -11.29 -2.29
CA ASP A 155 5.95 -11.30 -2.88
C ASP A 155 6.68 -10.05 -2.39
N PRO A 156 7.69 -10.22 -1.51
CA PRO A 156 8.50 -9.14 -0.91
C PRO A 156 9.36 -8.34 -1.89
N THR A 157 9.73 -8.97 -3.01
CA THR A 157 10.54 -8.28 -3.99
C THR A 157 9.69 -7.28 -4.76
N HIS A 158 8.39 -7.28 -4.46
CA HIS A 158 7.46 -6.36 -5.10
C HIS A 158 7.75 -4.95 -4.58
N LYS A 159 7.59 -3.95 -5.44
CA LYS A 159 7.83 -2.56 -5.05
C LYS A 159 6.50 -1.95 -4.60
N LYS A 160 5.97 -1.05 -5.41
CA LYS A 160 4.67 -0.44 -5.13
C LYS A 160 3.78 -0.97 -6.24
N PRO A 161 2.47 -1.08 -5.98
CA PRO A 161 1.53 -1.57 -7.01
C PRO A 161 1.61 -0.70 -8.26
N VAL A 162 1.43 -1.31 -9.43
CA VAL A 162 1.47 -0.54 -10.66
C VAL A 162 0.05 -0.44 -11.22
N HIS A 163 -0.52 0.77 -11.17
CA HIS A 163 -1.88 1.03 -11.61
C HIS A 163 -1.98 0.99 -13.14
N PRO A 164 -3.09 0.44 -13.67
CA PRO A 164 -3.27 0.36 -15.14
C PRO A 164 -3.27 1.73 -15.81
N GLU A 165 -3.95 2.69 -15.17
CA GLU A 165 -4.04 4.05 -15.68
C GLU A 165 -2.69 4.76 -15.81
N THR A 166 -1.73 4.43 -14.96
CA THR A 166 -0.44 5.09 -15.09
C THR A 166 0.31 4.57 -16.32
N LEU A 167 0.11 3.29 -16.62
CA LEU A 167 0.75 2.66 -17.78
C LEU A 167 0.15 3.21 -19.07
N LYS A 168 -1.17 3.29 -19.10
CA LYS A 168 -1.90 3.82 -20.23
C LYS A 168 -1.44 5.25 -20.55
N PHE A 169 -1.31 6.04 -19.50
CA PHE A 169 -0.91 7.43 -19.64
C PHE A 169 0.50 7.59 -20.22
N ILE A 170 1.47 6.93 -19.60
CA ILE A 170 2.84 7.01 -20.06
C ILE A 170 3.01 6.62 -21.54
N LEU A 171 2.66 5.40 -21.93
CA LEU A 171 2.83 4.99 -23.31
C LEU A 171 1.97 5.74 -24.32
N GLU A 172 0.87 6.31 -23.87
CA GLU A 172 0.02 7.11 -24.76
C GLU A 172 0.84 8.37 -25.07
N TYR A 173 1.43 8.92 -24.01
CA TYR A 173 2.28 10.10 -24.06
C TYR A 173 3.49 9.89 -24.96
N LEU A 174 4.03 8.66 -24.92
CA LEU A 174 5.21 8.32 -25.69
C LEU A 174 4.94 8.17 -27.19
N GLY A 175 3.68 7.97 -27.56
CA GLY A 175 3.37 7.82 -28.97
C GLY A 175 2.49 6.62 -29.32
N PHE A 176 2.46 5.61 -28.46
CA PHE A 176 1.65 4.42 -28.70
C PHE A 176 0.18 4.74 -28.88
N ARG A 177 -0.51 3.91 -29.66
CA ARG A 177 -1.95 4.06 -29.89
C ARG A 177 -2.66 2.74 -29.63
N ASP A 178 -3.98 2.69 -29.81
CA ASP A 178 -4.72 1.46 -29.60
C ASP A 178 -4.67 0.95 -28.17
N VAL A 179 -3.99 1.71 -27.31
CA VAL A 179 -3.85 1.35 -25.90
C VAL A 179 -5.19 0.92 -25.35
N LYS A 180 -5.24 -0.36 -24.95
CA LYS A 180 -6.45 -0.98 -24.43
C LYS A 180 -6.13 -1.70 -23.11
N ILE A 181 -7.09 -1.76 -22.20
CA ILE A 181 -6.86 -2.42 -20.92
C ILE A 181 -7.79 -3.62 -20.70
N GLU A 182 -7.20 -4.80 -20.57
CA GLU A 182 -7.98 -6.01 -20.37
C GLU A 182 -7.70 -6.65 -19.02
N PHE A 183 -8.76 -7.12 -18.37
CA PHE A 183 -8.63 -7.75 -17.06
C PHE A 183 -8.80 -9.26 -17.12
N PHE A 184 -8.02 -9.98 -16.32
CA PHE A 184 -8.10 -11.44 -16.32
C PHE A 184 -8.01 -12.13 -14.95
N GLU A 185 -8.16 -13.45 -14.96
CA GLU A 185 -8.12 -14.26 -13.74
C GLU A 185 -9.01 -13.63 -12.67
N GLU A 186 -10.30 -13.93 -12.71
CA GLU A 186 -11.18 -13.35 -11.70
C GLU A 186 -11.28 -14.26 -10.52
N CYS A 187 -11.80 -13.73 -9.43
CA CYS A 187 -11.94 -14.52 -8.21
C CYS A 187 -12.97 -15.61 -8.47
N GLU A 188 -12.80 -16.74 -7.78
CA GLU A 188 -13.73 -17.84 -7.94
C GLU A 188 -15.03 -17.57 -7.22
N GLU A 189 -16.09 -18.19 -7.73
CA GLU A 189 -17.44 -18.08 -7.20
C GLU A 189 -17.51 -17.98 -5.67
N LEU A 190 -16.97 -18.98 -4.99
CA LEU A 190 -16.99 -19.01 -3.53
C LEU A 190 -16.51 -17.74 -2.82
N THR A 191 -15.55 -17.05 -3.42
CA THR A 191 -14.98 -15.82 -2.87
C THR A 191 -15.90 -14.62 -3.05
N LYS A 192 -16.46 -14.49 -4.25
CA LYS A 192 -17.37 -13.40 -4.56
C LYS A 192 -18.62 -13.44 -3.69
N LEU A 193 -19.29 -12.30 -3.57
CA LEU A 193 -20.53 -12.28 -2.80
C LEU A 193 -21.55 -12.90 -3.75
N ALA A 194 -22.62 -13.43 -3.19
CA ALA A 194 -23.67 -14.06 -3.98
C ALA A 194 -24.82 -13.10 -4.17
N LYS A 195 -25.51 -13.22 -5.30
CA LYS A 195 -26.66 -12.37 -5.58
C LYS A 195 -27.90 -13.04 -5.00
N ILE A 196 -28.94 -12.25 -4.77
CA ILE A 196 -30.18 -12.75 -4.20
C ILE A 196 -31.36 -12.85 -5.15
N ASP A 197 -32.21 -13.84 -4.88
CA ASP A 197 -33.45 -14.06 -5.63
C ASP A 197 -34.55 -14.13 -4.58
N SER A 198 -35.80 -14.06 -5.04
CA SER A 198 -36.95 -14.14 -4.17
C SER A 198 -38.22 -13.88 -4.97
N ASN A 199 -39.31 -14.54 -4.57
CA ASN A 199 -40.58 -14.34 -5.24
C ASN A 199 -41.57 -13.73 -4.25
N THR A 200 -41.05 -13.34 -3.08
CA THR A 200 -41.87 -12.72 -2.04
C THR A 200 -41.35 -11.32 -1.67
N VAL A 201 -40.06 -11.09 -1.86
CA VAL A 201 -39.46 -9.80 -1.57
C VAL A 201 -39.51 -8.92 -2.82
N SER A 202 -39.83 -7.65 -2.61
CA SER A 202 -39.94 -6.66 -3.69
C SER A 202 -38.83 -6.71 -4.74
N GLU A 203 -39.23 -6.87 -6.00
CA GLU A 203 -38.29 -6.93 -7.12
C GLU A 203 -37.29 -5.78 -7.07
N GLU A 204 -37.81 -4.59 -6.78
CA GLU A 204 -36.96 -3.39 -6.72
C GLU A 204 -36.01 -3.41 -5.52
N VAL A 205 -36.45 -3.97 -4.39
CA VAL A 205 -35.56 -4.05 -3.25
C VAL A 205 -34.47 -5.04 -3.65
N ILE A 206 -34.87 -6.13 -4.30
CA ILE A 206 -33.94 -7.15 -4.76
C ILE A 206 -32.94 -6.55 -5.75
N ARG A 207 -33.45 -5.82 -6.74
CA ARG A 207 -32.65 -5.19 -7.77
C ARG A 207 -31.53 -4.30 -7.23
N VAL A 208 -31.87 -3.38 -6.34
CA VAL A 208 -30.89 -2.47 -5.79
C VAL A 208 -29.84 -3.18 -4.93
N ILE A 209 -30.27 -4.17 -4.16
CA ILE A 209 -29.34 -4.93 -3.34
C ILE A 209 -28.31 -5.65 -4.22
N ASN A 210 -28.74 -6.16 -5.37
CA ASN A 210 -27.83 -6.86 -6.25
C ASN A 210 -26.89 -5.92 -6.98
N GLU A 211 -27.34 -4.70 -7.23
CA GLU A 211 -26.46 -3.77 -7.90
C GLU A 211 -25.35 -3.39 -6.93
N ASN A 212 -25.70 -3.29 -5.65
CA ASN A 212 -24.72 -2.97 -4.62
C ASN A 212 -23.70 -4.10 -4.53
N ILE A 213 -24.16 -5.35 -4.70
CA ILE A 213 -23.30 -6.52 -4.66
C ILE A 213 -22.39 -6.57 -5.90
N GLU A 214 -22.89 -6.11 -7.03
CA GLU A 214 -22.07 -6.08 -8.24
C GLU A 214 -20.95 -5.06 -8.02
N LYS A 215 -21.29 -3.93 -7.42
CA LYS A 215 -20.30 -2.88 -7.13
C LYS A 215 -19.27 -3.39 -6.15
N LEU A 216 -19.75 -4.06 -5.11
CA LEU A 216 -18.89 -4.64 -4.09
C LEU A 216 -17.96 -5.68 -4.73
N ASN A 217 -18.53 -6.57 -5.54
CA ASN A 217 -17.73 -7.60 -6.19
C ASN A 217 -16.68 -7.04 -7.14
N ARG A 218 -16.96 -5.92 -7.78
CA ARG A 218 -16.01 -5.35 -8.73
C ARG A 218 -14.79 -4.72 -8.03
N ILE A 219 -15.01 -4.04 -6.92
CA ILE A 219 -13.94 -3.40 -6.19
C ILE A 219 -13.29 -4.31 -5.15
N LEU A 220 -14.00 -5.33 -4.69
CA LEU A 220 -13.44 -6.22 -3.68
C LEU A 220 -12.91 -7.54 -4.21
N PHE A 221 -13.64 -8.13 -5.16
CA PHE A 221 -13.26 -9.42 -5.72
C PHE A 221 -13.24 -9.39 -7.24
N GLY A 222 -12.64 -8.33 -7.78
CA GLY A 222 -12.53 -8.18 -9.21
C GLY A 222 -11.42 -9.05 -9.78
N PRO A 223 -11.12 -8.90 -11.08
CA PRO A 223 -10.06 -9.72 -11.69
C PRO A 223 -8.72 -9.44 -11.00
N GLN A 224 -7.90 -10.48 -10.87
CA GLN A 224 -6.61 -10.38 -10.19
C GLN A 224 -5.46 -9.88 -11.07
N ASP A 225 -5.66 -9.92 -12.38
CA ASP A 225 -4.62 -9.43 -13.28
C ASP A 225 -5.18 -8.52 -14.34
N TYR A 226 -4.29 -7.89 -15.08
CA TYR A 226 -4.67 -7.03 -16.18
C TYR A 226 -3.55 -7.04 -17.18
N ALA A 227 -3.87 -6.69 -18.41
CA ALA A 227 -2.90 -6.62 -19.47
C ALA A 227 -3.24 -5.39 -20.28
N ILE A 228 -2.24 -4.57 -20.53
CA ILE A 228 -2.43 -3.38 -21.33
C ILE A 228 -1.70 -3.68 -22.63
N ILE A 229 -2.38 -3.41 -23.74
CA ILE A 229 -1.86 -3.65 -25.09
C ILE A 229 -1.80 -2.34 -25.89
N ALA A 230 -0.71 -2.12 -26.61
CA ALA A 230 -0.55 -0.92 -27.44
C ALA A 230 0.17 -1.27 -28.76
N LYS A 231 -0.06 -0.46 -29.80
CA LYS A 231 0.52 -0.70 -31.12
C LYS A 231 1.37 0.47 -31.63
N LYS A 232 2.04 0.25 -32.76
CA LYS A 232 2.94 1.24 -33.38
C LYS A 232 4.17 1.35 -32.51
N ASP B 12 4.03 19.14 -21.96
CA ASP B 12 5.07 18.68 -21.00
C ASP B 12 4.42 17.70 -20.03
N TYR B 13 5.17 16.65 -19.71
CA TYR B 13 4.71 15.59 -18.85
C TYR B 13 3.85 15.87 -17.63
N TYR B 14 4.43 16.50 -16.61
CA TYR B 14 3.70 16.76 -15.38
C TYR B 14 2.49 17.67 -15.44
N PHE B 15 2.41 18.54 -16.44
CA PHE B 15 1.23 19.38 -16.54
C PHE B 15 0.12 18.47 -17.03
N LEU B 16 0.41 17.77 -18.12
CA LEU B 16 -0.53 16.83 -18.72
C LEU B 16 -1.00 15.80 -17.70
N PHE B 17 -0.08 15.29 -16.88
CA PHE B 17 -0.39 14.31 -15.84
C PHE B 17 -1.38 14.92 -14.83
N GLU B 18 -1.06 16.11 -14.32
CA GLU B 18 -1.94 16.77 -13.37
C GLU B 18 -3.31 17.04 -13.99
N GLU B 19 -3.33 17.56 -15.21
CA GLU B 19 -4.60 17.86 -15.89
C GLU B 19 -5.51 16.65 -15.95
N LYS B 20 -4.93 15.50 -16.29
CA LYS B 20 -5.65 14.23 -16.42
C LYS B 20 -6.12 13.59 -15.13
N PHE B 21 -5.25 13.60 -14.11
CA PHE B 21 -5.56 12.95 -12.85
C PHE B 21 -5.88 13.87 -11.69
N ARG B 22 -5.31 15.07 -11.68
CA ARG B 22 -5.59 16.01 -10.59
C ARG B 22 -6.69 17.01 -10.97
N GLY B 23 -6.90 17.22 -12.27
CA GLY B 23 -7.92 18.15 -12.73
C GLY B 23 -7.37 19.40 -13.41
N SER B 24 -8.24 20.30 -13.86
CA SER B 24 -7.79 21.53 -14.50
C SER B 24 -7.40 22.54 -13.43
N ARG B 25 -6.71 23.61 -13.81
CA ARG B 25 -6.32 24.60 -12.83
C ARG B 25 -7.56 25.22 -12.21
N GLU B 26 -8.56 25.50 -13.04
CA GLU B 26 -9.81 26.07 -12.58
C GLU B 26 -10.44 25.22 -11.49
N LEU B 27 -10.38 23.90 -11.66
CA LEU B 27 -10.94 22.99 -10.68
C LEU B 27 -10.15 23.03 -9.37
N VAL B 28 -8.84 22.85 -9.45
CA VAL B 28 -8.00 22.87 -8.25
C VAL B 28 -8.23 24.18 -7.50
N LYS B 29 -8.31 25.26 -8.26
CA LYS B 29 -8.54 26.58 -7.72
C LYS B 29 -9.92 26.63 -7.05
N ALA B 30 -10.91 26.00 -7.68
CA ALA B 30 -12.24 26.00 -7.11
C ALA B 30 -12.20 25.38 -5.72
N ARG B 31 -11.63 24.18 -5.64
CA ARG B 31 -11.54 23.45 -4.39
C ARG B 31 -10.69 24.05 -3.29
N LEU B 32 -9.95 25.12 -3.61
CA LEU B 32 -9.13 25.75 -2.58
C LEU B 32 -9.82 26.94 -1.89
N ARG B 33 -10.98 27.37 -2.38
CA ARG B 33 -11.69 28.50 -1.78
C ARG B 33 -12.10 28.26 -0.35
N ARG B 34 -12.23 27.00 0.01
CA ARG B 34 -12.60 26.58 1.36
C ARG B 34 -11.53 27.00 2.39
N TYR B 35 -10.30 27.21 1.91
CA TYR B 35 -9.19 27.58 2.78
C TYR B 35 -8.92 29.08 2.91
N ILE B 36 -9.57 29.89 2.08
CA ILE B 36 -9.41 31.34 2.11
C ILE B 36 -9.62 31.92 3.51
N PRO B 37 -10.66 31.46 4.23
CA PRO B 37 -10.91 31.98 5.57
C PRO B 37 -9.69 31.87 6.50
N TYR B 38 -8.84 30.89 6.25
CA TYR B 38 -7.64 30.68 7.06
C TYR B 38 -6.45 31.57 6.69
N PHE B 39 -6.51 32.22 5.53
CA PHE B 39 -5.42 33.08 5.12
C PHE B 39 -5.91 34.49 4.76
N LYS B 40 -7.09 34.84 5.28
CA LYS B 40 -7.68 36.15 5.03
C LYS B 40 -6.84 37.31 5.52
N GLY B 41 -6.48 38.22 4.62
CA GLY B 41 -5.69 39.36 5.03
C GLY B 41 -4.24 39.06 5.38
N CYS B 42 -3.77 37.84 5.14
CA CYS B 42 -2.38 37.53 5.45
C CYS B 42 -1.45 38.15 4.41
N ARG B 43 -0.20 38.40 4.82
CA ARG B 43 0.79 39.00 3.93
C ARG B 43 2.01 38.14 3.65
N ARG B 44 2.25 37.12 4.45
CA ARG B 44 3.41 36.26 4.22
C ARG B 44 3.06 34.79 4.22
N VAL B 45 2.22 34.40 3.27
CA VAL B 45 1.83 33.02 3.19
C VAL B 45 2.78 32.25 2.30
N LEU B 46 3.23 31.10 2.80
CA LEU B 46 4.12 30.25 2.03
C LEU B 46 3.26 29.12 1.44
N ASP B 47 3.44 28.89 0.15
CA ASP B 47 2.74 27.83 -0.56
C ASP B 47 3.80 26.80 -0.93
N ILE B 48 3.82 25.70 -0.17
CA ILE B 48 4.78 24.62 -0.37
C ILE B 48 4.29 23.65 -1.43
N GLY B 49 5.09 23.50 -2.49
CA GLY B 49 4.72 22.65 -3.60
C GLY B 49 3.66 23.42 -4.39
N CYS B 50 3.91 24.69 -4.65
CA CYS B 50 2.94 25.52 -5.35
C CYS B 50 2.40 24.96 -6.67
N GLY B 51 3.15 24.06 -7.32
CA GLY B 51 2.68 23.47 -8.56
C GLY B 51 2.34 24.43 -9.70
N ARG B 52 1.11 24.36 -10.22
CA ARG B 52 0.71 25.24 -11.31
C ARG B 52 0.25 26.61 -10.83
N GLY B 53 0.41 26.86 -9.54
CA GLY B 53 0.06 28.15 -8.98
C GLY B 53 -1.39 28.45 -8.68
N GLU B 54 -2.24 27.42 -8.67
CA GLU B 54 -3.65 27.64 -8.39
C GLU B 54 -3.95 28.32 -7.05
N PHE B 55 -3.22 27.96 -6.01
CA PHE B 55 -3.45 28.57 -4.71
C PHE B 55 -2.95 30.01 -4.71
N LEU B 56 -1.90 30.25 -5.49
CA LEU B 56 -1.32 31.58 -5.57
C LEU B 56 -2.22 32.51 -6.35
N GLU B 57 -2.88 31.97 -7.36
CA GLU B 57 -3.78 32.74 -8.18
C GLU B 57 -4.99 33.16 -7.35
N LEU B 58 -5.39 32.27 -6.45
CA LEU B 58 -6.50 32.49 -5.57
C LEU B 58 -6.14 33.59 -4.58
N CYS B 59 -4.94 33.52 -4.02
CA CYS B 59 -4.48 34.52 -3.06
C CYS B 59 -4.49 35.93 -3.61
N LYS B 60 -4.04 36.05 -4.85
CA LYS B 60 -3.99 37.35 -5.51
C LYS B 60 -5.38 37.96 -5.62
N GLU B 61 -6.37 37.14 -5.97
CA GLU B 61 -7.73 37.63 -6.11
C GLU B 61 -8.27 38.05 -4.76
N GLU B 62 -7.78 37.41 -3.70
CA GLU B 62 -8.24 37.70 -2.36
C GLU B 62 -7.43 38.72 -1.62
N GLY B 63 -6.48 39.35 -2.32
CA GLY B 63 -5.65 40.35 -1.67
C GLY B 63 -4.75 39.73 -0.62
N ILE B 64 -4.47 38.44 -0.74
CA ILE B 64 -3.62 37.72 0.20
C ILE B 64 -2.21 37.59 -0.39
N GLU B 65 -1.22 38.13 0.32
CA GLU B 65 0.15 38.05 -0.14
C GLU B 65 0.81 36.71 0.18
N SER B 66 1.34 36.06 -0.85
CA SER B 66 1.98 34.77 -0.67
C SER B 66 3.05 34.48 -1.71
N ILE B 67 3.96 33.59 -1.33
CA ILE B 67 5.06 33.19 -2.19
C ILE B 67 5.07 31.67 -2.25
N GLY B 68 5.36 31.12 -3.41
CA GLY B 68 5.42 29.68 -3.53
C GLY B 68 6.81 29.13 -3.84
N VAL B 69 7.04 27.87 -3.48
CA VAL B 69 8.30 27.19 -3.75
C VAL B 69 8.03 25.83 -4.38
N ASP B 70 8.92 25.40 -5.26
CA ASP B 70 8.78 24.11 -5.91
C ASP B 70 10.12 23.70 -6.49
N ILE B 71 10.36 22.39 -6.47
CA ILE B 71 11.58 21.80 -6.98
C ILE B 71 11.55 21.75 -8.52
N ASN B 72 10.35 21.72 -9.06
CA ASN B 72 10.12 21.64 -10.51
C ASN B 72 10.35 22.95 -11.27
N GLU B 73 11.46 22.99 -12.01
CA GLU B 73 11.85 24.16 -12.81
C GLU B 73 10.77 24.45 -13.87
N ASP B 74 10.02 23.42 -14.22
CA ASP B 74 8.93 23.55 -15.19
C ASP B 74 7.77 24.28 -14.53
N MET B 75 7.42 23.86 -13.31
CA MET B 75 6.34 24.49 -12.57
C MET B 75 6.72 25.93 -12.29
N ILE B 76 7.97 26.14 -11.89
CA ILE B 76 8.46 27.49 -11.58
C ILE B 76 8.40 28.42 -12.81
N LYS B 77 8.88 27.95 -13.96
CA LYS B 77 8.85 28.78 -15.14
C LYS B 77 7.42 29.17 -15.49
N PHE B 78 6.48 28.29 -15.19
CA PHE B 78 5.07 28.53 -15.45
C PHE B 78 4.48 29.60 -14.52
N CYS B 79 5.02 29.71 -13.30
CA CYS B 79 4.49 30.66 -12.32
C CYS B 79 5.15 32.02 -12.19
N GLU B 80 6.48 32.06 -12.30
CA GLU B 80 7.20 33.31 -12.08
C GLU B 80 6.65 34.56 -12.77
N GLY B 81 6.37 34.48 -14.06
CA GLY B 81 5.83 35.65 -14.72
C GLY B 81 4.46 36.03 -14.18
N LYS B 82 3.89 35.20 -13.31
CA LYS B 82 2.56 35.46 -12.78
C LYS B 82 2.52 35.79 -11.29
N PHE B 83 3.21 34.98 -10.51
CA PHE B 83 3.23 35.16 -9.07
C PHE B 83 4.67 35.15 -8.55
N ASN B 84 4.83 35.34 -7.25
CA ASN B 84 6.17 35.34 -6.68
C ASN B 84 6.48 33.94 -6.20
N VAL B 85 7.37 33.27 -6.94
CA VAL B 85 7.78 31.90 -6.63
C VAL B 85 9.30 31.79 -6.64
N VAL B 86 9.82 30.73 -6.01
CA VAL B 86 11.25 30.49 -5.99
C VAL B 86 11.54 28.98 -6.12
N LYS B 87 12.38 28.62 -7.08
CA LYS B 87 12.73 27.23 -7.31
C LYS B 87 13.61 26.83 -6.13
N SER B 88 13.16 25.83 -5.37
CA SER B 88 13.91 25.42 -4.21
C SER B 88 13.23 24.33 -3.41
N ASP B 89 14.06 23.53 -2.76
CA ASP B 89 13.60 22.49 -1.87
C ASP B 89 12.87 23.24 -0.75
N ALA B 90 11.77 22.69 -0.25
CA ALA B 90 10.99 23.34 0.81
C ALA B 90 11.76 23.51 2.12
N ILE B 91 12.41 22.43 2.55
CA ILE B 91 13.18 22.47 3.79
C ILE B 91 14.30 23.50 3.68
N GLU B 92 14.97 23.56 2.52
CA GLU B 92 16.06 24.51 2.31
C GLU B 92 15.53 25.91 2.42
N TYR B 93 14.38 26.16 1.76
CA TYR B 93 13.82 27.49 1.79
C TYR B 93 13.43 27.89 3.20
N LEU B 94 12.70 27.01 3.89
CA LEU B 94 12.28 27.25 5.26
C LEU B 94 13.48 27.61 6.15
N LYS B 95 14.50 26.77 6.08
CA LYS B 95 15.72 27.00 6.87
C LYS B 95 16.28 28.40 6.66
N SER B 96 16.13 28.94 5.45
CA SER B 96 16.65 30.26 5.13
C SER B 96 15.78 31.42 5.67
N LEU B 97 14.63 31.10 6.26
CA LEU B 97 13.74 32.13 6.79
C LEU B 97 13.96 32.36 8.27
N PRO B 98 13.69 33.57 8.74
CA PRO B 98 13.87 33.87 10.17
C PRO B 98 12.69 33.22 10.89
N ASP B 99 12.83 32.92 12.17
CA ASP B 99 11.72 32.33 12.91
C ASP B 99 10.60 33.35 13.01
N LYS B 100 9.39 32.89 13.31
CA LYS B 100 8.24 33.76 13.46
C LYS B 100 8.07 34.69 12.25
N TYR B 101 8.40 34.21 11.07
CA TYR B 101 8.32 35.02 9.85
C TYR B 101 7.04 34.89 9.02
N LEU B 102 6.55 33.67 8.85
CA LEU B 102 5.38 33.40 8.02
C LEU B 102 3.99 33.64 8.62
N ASP B 103 3.11 34.12 7.74
CA ASP B 103 1.71 34.46 8.04
C ASP B 103 0.75 33.28 8.09
N GLY B 104 1.11 32.23 7.36
CA GLY B 104 0.28 31.04 7.28
C GLY B 104 0.95 30.15 6.27
N VAL B 105 0.67 28.86 6.32
CA VAL B 105 1.29 27.90 5.41
C VAL B 105 0.26 27.03 4.73
N MET B 106 0.46 26.77 3.45
CA MET B 106 -0.44 25.92 2.69
C MET B 106 0.40 24.79 2.11
N ILE B 107 0.00 23.56 2.40
CA ILE B 107 0.71 22.39 1.92
C ILE B 107 -0.31 21.51 1.23
N SER B 108 -0.53 21.76 -0.05
CA SER B 108 -1.51 21.04 -0.83
C SER B 108 -0.92 19.96 -1.72
N HIS B 109 -1.25 18.71 -1.42
CA HIS B 109 -0.78 17.56 -2.19
C HIS B 109 0.73 17.61 -2.37
N PHE B 110 1.43 17.72 -1.25
CA PHE B 110 2.89 17.81 -1.23
C PHE B 110 3.52 16.70 -0.42
N VAL B 111 2.98 16.48 0.78
CA VAL B 111 3.53 15.47 1.68
C VAL B 111 3.60 14.06 1.10
N GLU B 112 2.64 13.69 0.26
CA GLU B 112 2.65 12.36 -0.33
C GLU B 112 3.84 12.21 -1.31
N HIS B 113 4.49 13.32 -1.63
CA HIS B 113 5.65 13.34 -2.54
C HIS B 113 6.96 13.51 -1.77
N LEU B 114 6.84 13.82 -0.49
CA LEU B 114 8.00 14.03 0.34
C LEU B 114 8.49 12.72 0.93
N ASP B 115 9.81 12.57 1.00
CA ASP B 115 10.40 11.37 1.58
C ASP B 115 9.97 11.41 3.06
N PRO B 116 9.39 10.29 3.54
CA PRO B 116 8.91 10.10 4.90
C PRO B 116 9.86 10.55 6.00
N GLU B 117 11.15 10.30 5.81
CA GLU B 117 12.15 10.68 6.80
C GLU B 117 12.40 12.17 6.87
N ARG B 118 11.76 12.93 6.00
CA ARG B 118 11.95 14.38 6.02
C ARG B 118 10.67 15.09 6.44
N LEU B 119 9.58 14.35 6.63
CA LEU B 119 8.30 14.94 7.00
C LEU B 119 8.32 15.73 8.31
N PHE B 120 8.82 15.10 9.36
CA PHE B 120 8.92 15.73 10.67
C PHE B 120 9.63 17.10 10.61
N GLU B 121 10.84 17.10 10.08
CA GLU B 121 11.63 18.32 9.96
C GLU B 121 10.85 19.41 9.23
N LEU B 122 10.29 19.06 8.07
CA LEU B 122 9.52 20.02 7.30
C LEU B 122 8.52 20.71 8.20
N LEU B 123 7.64 19.91 8.80
CA LEU B 123 6.60 20.42 9.68
C LEU B 123 7.17 21.18 10.84
N SER B 124 8.23 20.63 11.43
CA SER B 124 8.88 21.27 12.57
C SER B 124 9.36 22.66 12.18
N LEU B 125 9.91 22.78 10.98
CA LEU B 125 10.39 24.05 10.48
C LEU B 125 9.23 25.00 10.29
N CYS B 126 8.10 24.48 9.83
CA CYS B 126 6.93 25.34 9.63
C CYS B 126 6.55 25.98 10.96
N TYR B 127 6.56 25.17 12.00
CA TYR B 127 6.21 25.70 13.31
C TYR B 127 7.15 26.82 13.73
N SER B 128 8.45 26.57 13.61
CA SER B 128 9.47 27.54 13.99
C SER B 128 9.44 28.84 13.20
N LYS B 129 9.18 28.75 11.90
CA LYS B 129 9.16 29.91 11.02
C LYS B 129 7.77 30.59 10.93
N MET B 130 6.77 29.99 11.57
CA MET B 130 5.44 30.57 11.58
C MET B 130 5.38 31.51 12.78
N LYS B 131 4.65 32.61 12.67
CA LYS B 131 4.56 33.47 13.83
C LYS B 131 3.29 33.05 14.57
N TYR B 132 3.11 33.53 15.80
CA TYR B 132 1.96 33.16 16.60
C TYR B 132 0.68 33.60 15.95
N SER B 133 -0.38 32.82 16.15
CA SER B 133 -1.71 33.12 15.63
C SER B 133 -1.97 32.62 14.20
N SER B 134 -0.92 32.19 13.50
CA SER B 134 -1.02 31.70 12.12
C SER B 134 -1.69 30.33 11.96
N TYR B 135 -2.17 30.07 10.74
CA TYR B 135 -2.85 28.83 10.40
C TYR B 135 -2.02 28.03 9.40
N ILE B 136 -2.15 26.71 9.47
CA ILE B 136 -1.46 25.82 8.54
C ILE B 136 -2.47 24.80 8.01
N VAL B 137 -2.51 24.64 6.69
CA VAL B 137 -3.44 23.70 6.07
C VAL B 137 -2.69 22.68 5.22
N ILE B 138 -2.97 21.40 5.48
CA ILE B 138 -2.36 20.30 4.74
C ILE B 138 -3.42 19.42 4.06
N GLU B 139 -3.43 19.45 2.73
CA GLU B 139 -4.38 18.64 1.97
C GLU B 139 -3.63 17.54 1.24
N SER B 140 -4.12 16.33 1.39
CA SER B 140 -3.49 15.18 0.75
C SER B 140 -4.58 14.16 0.42
N PRO B 141 -4.31 13.25 -0.53
CA PRO B 141 -5.31 12.23 -0.91
C PRO B 141 -5.64 11.40 0.35
N ASN B 142 -6.91 11.00 0.49
CA ASN B 142 -7.32 10.21 1.65
C ASN B 142 -7.08 8.72 1.45
N PRO B 143 -6.21 8.13 2.27
CA PRO B 143 -5.92 6.70 2.18
C PRO B 143 -6.87 5.82 3.00
N THR B 144 -7.69 6.46 3.85
CA THR B 144 -8.64 5.75 4.71
C THR B 144 -9.93 5.32 4.01
N SER B 145 -9.95 5.42 2.69
CA SER B 145 -11.08 4.99 1.87
C SER B 145 -10.45 4.24 0.70
N LEU B 146 -10.98 3.06 0.39
CA LEU B 146 -10.44 2.20 -0.67
C LEU B 146 -10.33 2.80 -2.06
N TYR B 147 -11.41 3.43 -2.52
CA TYR B 147 -11.44 4.03 -3.84
C TYR B 147 -10.26 4.99 -3.99
N SER B 148 -10.07 5.78 -2.95
CA SER B 148 -9.02 6.76 -2.90
C SER B 148 -7.62 6.18 -2.74
N LEU B 149 -7.51 5.10 -1.97
CA LEU B 149 -6.24 4.45 -1.73
C LEU B 149 -5.70 3.83 -3.01
N ILE B 150 -6.61 3.43 -3.89
CA ILE B 150 -6.23 2.83 -5.17
C ILE B 150 -5.68 3.89 -6.12
N ASN B 151 -6.34 5.04 -6.17
CA ASN B 151 -5.91 6.12 -7.05
C ASN B 151 -4.60 6.73 -6.59
N PHE B 152 -4.27 6.51 -5.32
CA PHE B 152 -3.03 7.01 -4.78
C PHE B 152 -1.82 6.40 -5.48
N TYR B 153 -2.01 5.25 -6.11
CA TYR B 153 -0.92 4.56 -6.80
C TYR B 153 -0.73 4.94 -8.27
N ILE B 154 -1.64 5.77 -8.80
CA ILE B 154 -1.54 6.20 -10.20
C ILE B 154 -0.31 7.07 -10.39
N ASP B 155 0.00 7.88 -9.38
CA ASP B 155 1.16 8.75 -9.44
C ASP B 155 2.37 7.98 -8.95
N PRO B 156 3.30 7.62 -9.86
CA PRO B 156 4.51 6.88 -9.50
C PRO B 156 5.53 7.65 -8.63
N THR B 157 5.40 8.98 -8.55
CA THR B 157 6.29 9.77 -7.72
C THR B 157 5.80 9.79 -6.27
N HIS B 158 4.67 9.14 -6.03
CA HIS B 158 4.11 9.05 -4.68
C HIS B 158 4.97 8.13 -3.81
N LYS B 159 4.99 8.41 -2.50
CA LYS B 159 5.72 7.58 -1.55
C LYS B 159 4.73 6.65 -0.86
N LYS B 160 4.66 6.75 0.46
CA LYS B 160 3.73 5.93 1.23
C LYS B 160 2.48 6.76 1.43
N PRO B 161 1.32 6.12 1.56
CA PRO B 161 0.16 6.98 1.76
C PRO B 161 0.34 7.69 3.11
N VAL B 162 -0.01 8.97 3.16
CA VAL B 162 0.13 9.71 4.41
C VAL B 162 -1.21 9.77 5.14
N HIS B 163 -1.31 8.99 6.21
CA HIS B 163 -2.54 8.95 6.98
C HIS B 163 -2.77 10.28 7.74
N PRO B 164 -4.04 10.74 7.82
CA PRO B 164 -4.25 12.01 8.54
C PRO B 164 -4.01 11.99 10.05
N GLU B 165 -4.18 10.84 10.70
CA GLU B 165 -3.97 10.76 12.14
C GLU B 165 -2.51 10.94 12.49
N THR B 166 -1.64 10.48 11.58
CA THR B 166 -0.20 10.59 11.80
C THR B 166 0.26 12.05 11.71
N LEU B 167 -0.32 12.82 10.79
CA LEU B 167 0.01 14.23 10.64
C LEU B 167 -0.51 14.99 11.86
N LYS B 168 -1.72 14.64 12.28
CA LYS B 168 -2.36 15.28 13.42
C LYS B 168 -1.51 15.08 14.65
N PHE B 169 -0.89 13.91 14.73
CA PHE B 169 -0.03 13.58 15.84
C PHE B 169 1.22 14.44 15.81
N ILE B 170 1.83 14.55 14.65
CA ILE B 170 3.04 15.35 14.52
C ILE B 170 2.79 16.80 14.87
N LEU B 171 1.69 17.34 14.36
CA LEU B 171 1.32 18.73 14.59
C LEU B 171 1.02 19.01 16.04
N GLU B 172 0.23 18.14 16.66
CA GLU B 172 -0.08 18.33 18.05
C GLU B 172 1.21 18.29 18.86
N TYR B 173 2.09 17.34 18.53
CA TYR B 173 3.37 17.17 19.21
C TYR B 173 4.29 18.39 19.08
N LEU B 174 4.23 19.08 17.94
CA LEU B 174 5.06 20.26 17.72
C LEU B 174 4.57 21.50 18.47
N GLY B 175 3.31 21.47 18.91
CA GLY B 175 2.79 22.61 19.62
C GLY B 175 1.64 23.30 18.92
N PHE B 176 1.25 22.81 17.73
CA PHE B 176 0.13 23.40 16.99
C PHE B 176 -1.11 22.99 17.76
N ARG B 177 -2.12 23.84 17.74
CA ARG B 177 -3.33 23.47 18.45
C ARG B 177 -4.59 23.55 17.62
N ASP B 178 -5.71 23.19 18.25
CA ASP B 178 -7.01 23.25 17.58
C ASP B 178 -6.91 22.50 16.26
N VAL B 179 -6.14 21.40 16.27
CA VAL B 179 -5.93 20.58 15.08
C VAL B 179 -7.27 19.95 14.67
N LYS B 180 -7.59 20.06 13.39
CA LYS B 180 -8.85 19.52 12.88
C LYS B 180 -8.62 18.74 11.58
N ILE B 181 -9.29 17.59 11.45
CA ILE B 181 -9.19 16.76 10.25
C ILE B 181 -10.58 16.75 9.60
N GLU B 182 -10.66 17.26 8.38
CA GLU B 182 -11.91 17.30 7.65
C GLU B 182 -11.67 16.52 6.37
N PHE B 183 -12.76 16.09 5.71
CA PHE B 183 -12.64 15.35 4.48
C PHE B 183 -13.46 15.96 3.36
N PHE B 184 -12.89 16.00 2.15
CA PHE B 184 -13.57 16.58 1.01
C PHE B 184 -13.53 15.70 -0.22
N GLU B 185 -14.20 16.17 -1.29
CA GLU B 185 -14.27 15.45 -2.55
C GLU B 185 -14.94 14.08 -2.43
N GLU B 186 -16.17 14.11 -1.93
CA GLU B 186 -16.99 12.93 -1.74
C GLU B 186 -17.06 12.17 -3.08
N CYS B 187 -17.33 10.87 -3.04
CA CYS B 187 -17.44 10.09 -4.28
C CYS B 187 -18.82 10.35 -4.87
N GLU B 188 -18.95 10.20 -6.18
CA GLU B 188 -20.24 10.46 -6.81
C GLU B 188 -21.19 9.28 -6.60
N GLU B 189 -22.46 9.60 -6.36
CA GLU B 189 -23.49 8.60 -6.10
C GLU B 189 -23.52 7.42 -7.08
N LEU B 190 -23.06 7.66 -8.29
CA LEU B 190 -23.02 6.63 -9.32
C LEU B 190 -22.08 5.48 -8.94
N THR B 191 -20.98 5.83 -8.28
CA THR B 191 -19.98 4.85 -7.88
C THR B 191 -20.30 4.21 -6.52
N LYS B 192 -20.85 5.02 -5.62
CA LYS B 192 -21.19 4.56 -4.27
C LYS B 192 -22.34 3.57 -4.31
N LEU B 193 -22.47 2.77 -3.25
CA LEU B 193 -23.58 1.84 -3.18
C LEU B 193 -24.84 2.67 -2.84
N ALA B 194 -26.00 2.22 -3.29
CA ALA B 194 -27.22 2.97 -3.01
C ALA B 194 -28.00 2.52 -1.78
N LYS B 195 -28.57 3.48 -1.07
CA LYS B 195 -29.41 3.20 0.09
C LYS B 195 -30.70 2.65 -0.50
N ILE B 196 -31.36 1.74 0.23
CA ILE B 196 -32.61 1.17 -0.25
C ILE B 196 -33.84 1.92 0.26
N ASP B 197 -34.73 2.24 -0.68
CA ASP B 197 -35.99 2.89 -0.38
C ASP B 197 -37.01 1.82 -0.58
N SER B 198 -37.91 1.65 0.38
CA SER B 198 -38.89 0.60 0.28
C SER B 198 -40.08 0.79 1.21
N ASN B 199 -41.27 0.54 0.68
CA ASN B 199 -42.47 0.69 1.48
C ASN B 199 -42.98 -0.68 1.90
N THR B 200 -42.48 -1.73 1.23
CA THR B 200 -42.89 -3.11 1.46
C THR B 200 -42.12 -3.98 2.45
N VAL B 201 -40.82 -3.73 2.63
CA VAL B 201 -40.01 -4.52 3.55
C VAL B 201 -40.02 -3.91 4.96
N SER B 202 -39.87 -4.74 6.00
CA SER B 202 -39.86 -4.26 7.38
C SER B 202 -38.80 -3.19 7.56
N GLU B 203 -39.17 -2.10 8.24
CA GLU B 203 -38.24 -1.00 8.46
C GLU B 203 -37.01 -1.43 9.25
N GLU B 204 -37.21 -2.30 10.25
CA GLU B 204 -36.11 -2.78 11.06
C GLU B 204 -35.01 -3.42 10.21
N VAL B 205 -35.41 -4.18 9.19
CA VAL B 205 -34.46 -4.86 8.30
C VAL B 205 -33.82 -3.88 7.32
N ILE B 206 -34.63 -2.98 6.78
CA ILE B 206 -34.14 -1.98 5.84
C ILE B 206 -33.16 -1.08 6.56
N ARG B 207 -33.50 -0.69 7.79
CA ARG B 207 -32.65 0.19 8.57
C ARG B 207 -31.24 -0.37 8.74
N VAL B 208 -31.14 -1.65 9.11
CA VAL B 208 -29.84 -2.27 9.32
C VAL B 208 -29.05 -2.45 8.02
N ILE B 209 -29.76 -2.68 6.91
CA ILE B 209 -29.09 -2.83 5.63
C ILE B 209 -28.49 -1.48 5.20
N ASN B 210 -29.23 -0.41 5.42
CA ASN B 210 -28.76 0.92 5.05
C ASN B 210 -27.65 1.42 5.97
N GLU B 211 -27.64 0.97 7.22
CA GLU B 211 -26.59 1.39 8.12
C GLU B 211 -25.30 0.69 7.70
N ASN B 212 -25.43 -0.53 7.18
CA ASN B 212 -24.28 -1.28 6.72
C ASN B 212 -23.74 -0.65 5.44
N ILE B 213 -24.64 -0.27 4.54
CA ILE B 213 -24.28 0.37 3.27
C ILE B 213 -23.51 1.64 3.61
N GLU B 214 -23.92 2.27 4.71
CA GLU B 214 -23.29 3.48 5.20
C GLU B 214 -21.81 3.22 5.59
N LYS B 215 -21.56 2.11 6.26
CA LYS B 215 -20.21 1.74 6.67
C LYS B 215 -19.40 1.31 5.46
N LEU B 216 -20.05 0.60 4.55
CA LEU B 216 -19.38 0.16 3.34
C LEU B 216 -18.98 1.36 2.49
N ASN B 217 -19.87 2.35 2.40
CA ASN B 217 -19.56 3.54 1.62
C ASN B 217 -18.46 4.39 2.23
N ARG B 218 -18.40 4.48 3.56
CA ARG B 218 -17.35 5.28 4.19
C ARG B 218 -15.95 4.68 4.07
N ILE B 219 -15.86 3.35 4.07
CA ILE B 219 -14.55 2.70 3.96
C ILE B 219 -14.15 2.37 2.52
N LEU B 220 -15.10 2.45 1.60
CA LEU B 220 -14.82 2.12 0.20
C LEU B 220 -14.99 3.29 -0.77
N PHE B 221 -16.04 4.08 -0.57
CA PHE B 221 -16.31 5.21 -1.46
C PHE B 221 -16.48 6.48 -0.65
N GLY B 222 -15.57 6.68 0.29
CA GLY B 222 -15.64 7.86 1.12
C GLY B 222 -14.96 9.04 0.44
N PRO B 223 -14.73 10.13 1.19
CA PRO B 223 -14.09 11.32 0.63
C PRO B 223 -12.70 10.97 0.06
N GLN B 224 -12.40 11.51 -1.10
CA GLN B 224 -11.16 11.27 -1.80
C GLN B 224 -9.97 12.07 -1.26
N ASP B 225 -10.26 13.19 -0.60
CA ASP B 225 -9.23 14.05 -0.02
C ASP B 225 -9.55 14.38 1.43
N TYR B 226 -8.53 14.82 2.16
CA TYR B 226 -8.72 15.26 3.53
C TYR B 226 -7.86 16.50 3.73
N ALA B 227 -8.16 17.26 4.77
CA ALA B 227 -7.39 18.44 5.08
C ALA B 227 -7.27 18.50 6.58
N ILE B 228 -6.08 18.86 7.05
CA ILE B 228 -5.87 19.01 8.46
C ILE B 228 -5.47 20.47 8.69
N ILE B 229 -6.23 21.15 9.53
CA ILE B 229 -5.98 22.55 9.82
C ILE B 229 -5.58 22.74 11.28
N ALA B 230 -4.52 23.53 11.49
CA ALA B 230 -3.99 23.81 12.83
C ALA B 230 -3.69 25.31 13.02
N LYS B 231 -3.40 25.72 14.25
CA LYS B 231 -3.11 27.12 14.58
C LYS B 231 -1.92 27.38 15.55
N LYS B 232 -1.38 28.60 15.51
CA LYS B 232 -0.24 29.10 16.32
C LYS B 232 1.13 28.64 15.81
N ASP C 12 9.61 10.98 24.92
CA ASP C 12 9.82 11.28 23.48
C ASP C 12 8.70 10.74 22.57
N TYR C 13 8.86 11.08 21.29
CA TYR C 13 7.97 10.74 20.19
C TYR C 13 7.34 9.35 20.22
N TYR C 14 8.20 8.35 20.11
CA TYR C 14 7.75 6.96 20.06
C TYR C 14 6.93 6.42 21.20
N PHE C 15 7.14 6.94 22.40
CA PHE C 15 6.34 6.46 23.53
C PHE C 15 4.93 6.98 23.38
N LEU C 16 4.80 8.28 23.21
CA LEU C 16 3.50 8.92 23.02
C LEU C 16 2.79 8.27 21.82
N PHE C 17 3.55 8.04 20.74
CA PHE C 17 3.00 7.45 19.51
C PHE C 17 2.38 6.06 19.71
N GLU C 18 3.12 5.17 20.37
CA GLU C 18 2.61 3.81 20.60
C GLU C 18 1.43 3.87 21.55
N GLU C 19 1.56 4.71 22.57
CA GLU C 19 0.50 4.84 23.56
C GLU C 19 -0.81 5.20 22.87
N LYS C 20 -0.72 6.14 21.95
CA LYS C 20 -1.86 6.62 21.20
C LYS C 20 -2.44 5.61 20.20
N PHE C 21 -1.57 5.00 19.37
CA PHE C 21 -2.01 4.08 18.31
C PHE C 21 -2.03 2.57 18.58
N ARG C 22 -1.10 2.08 19.41
CA ARG C 22 -1.05 0.66 19.77
C ARG C 22 -1.86 0.40 21.03
N GLY C 23 -1.79 1.35 21.95
CA GLY C 23 -2.50 1.22 23.21
C GLY C 23 -1.55 1.26 24.40
N SER C 24 -2.12 1.07 25.58
CA SER C 24 -1.36 1.06 26.82
C SER C 24 -0.54 -0.22 26.95
N ARG C 25 0.50 -0.18 27.80
CA ARG C 25 1.34 -1.35 28.05
C ARG C 25 0.37 -2.42 28.56
N GLU C 26 -0.61 -1.97 29.32
CA GLU C 26 -1.62 -2.83 29.88
C GLU C 26 -2.33 -3.57 28.77
N LEU C 27 -2.83 -2.81 27.81
CA LEU C 27 -3.56 -3.37 26.68
C LEU C 27 -2.69 -4.35 25.88
N VAL C 28 -1.50 -3.91 25.52
CA VAL C 28 -0.57 -4.72 24.76
C VAL C 28 -0.26 -6.03 25.51
N LYS C 29 -0.06 -5.91 26.81
CA LYS C 29 0.23 -7.09 27.65
C LYS C 29 -0.92 -8.07 27.55
N ALA C 30 -2.14 -7.53 27.65
CA ALA C 30 -3.34 -8.35 27.61
C ALA C 30 -3.44 -9.19 26.36
N ARG C 31 -2.96 -8.64 25.24
CA ARG C 31 -3.01 -9.33 23.95
C ARG C 31 -1.97 -10.44 23.77
N LEU C 32 -0.77 -10.26 24.32
CA LEU C 32 0.29 -11.25 24.16
C LEU C 32 0.15 -12.42 25.11
N ARG C 33 -0.72 -12.26 26.11
CA ARG C 33 -0.94 -13.29 27.11
C ARG C 33 -1.25 -14.66 26.50
N ARG C 34 -1.94 -14.67 25.36
CA ARG C 34 -2.30 -15.92 24.73
C ARG C 34 -1.13 -16.73 24.14
N TYR C 35 0.05 -16.13 24.05
CA TYR C 35 1.21 -16.84 23.49
C TYR C 35 2.09 -17.49 24.55
N ILE C 36 1.79 -17.22 25.82
CA ILE C 36 2.55 -17.77 26.95
C ILE C 36 2.74 -19.28 26.99
N PRO C 37 1.68 -20.05 26.68
CA PRO C 37 1.83 -21.50 26.73
C PRO C 37 2.98 -22.04 25.87
N TYR C 38 3.41 -21.26 24.88
CA TYR C 38 4.50 -21.68 24.00
C TYR C 38 5.86 -21.52 24.64
N PHE C 39 5.97 -20.68 25.65
CA PHE C 39 7.25 -20.48 26.29
C PHE C 39 7.27 -20.90 27.76
N LYS C 40 6.24 -21.59 28.22
CA LYS C 40 6.21 -22.03 29.62
C LYS C 40 7.44 -22.91 29.92
N GLY C 41 8.01 -22.73 31.11
CA GLY C 41 9.16 -23.52 31.52
C GLY C 41 10.46 -23.16 30.83
N CYS C 42 10.38 -22.29 29.83
CA CYS C 42 11.57 -21.89 29.07
C CYS C 42 12.53 -21.01 29.87
N ARG C 43 13.81 -21.17 29.57
CA ARG C 43 14.87 -20.45 30.25
C ARG C 43 15.66 -19.54 29.33
N ARG C 44 15.60 -19.78 28.02
CA ARG C 44 16.34 -18.95 27.06
C ARG C 44 15.48 -18.42 25.92
N VAL C 45 14.44 -17.66 26.25
CA VAL C 45 13.57 -17.12 25.22
C VAL C 45 14.11 -15.78 24.71
N LEU C 46 14.01 -15.58 23.41
CA LEU C 46 14.46 -14.34 22.83
C LEU C 46 13.27 -13.49 22.40
N ASP C 47 13.19 -12.30 22.95
CA ASP C 47 12.14 -11.36 22.61
C ASP C 47 12.79 -10.28 21.75
N ILE C 48 12.57 -10.37 20.44
CA ILE C 48 13.13 -9.44 19.46
C ILE C 48 12.29 -8.18 19.36
N GLY C 49 12.95 -7.04 19.49
CA GLY C 49 12.26 -5.76 19.47
C GLY C 49 11.36 -5.72 20.68
N CYS C 50 11.95 -5.85 21.87
CA CYS C 50 11.20 -5.86 23.13
C CYS C 50 10.30 -4.67 23.42
N GLY C 51 10.52 -3.54 22.75
CA GLY C 51 9.68 -2.38 22.97
C GLY C 51 9.62 -1.99 24.43
N ARG C 52 8.42 -1.72 24.95
CA ARG C 52 8.29 -1.35 26.36
C ARG C 52 8.33 -2.58 27.26
N GLY C 53 8.92 -3.65 26.75
CA GLY C 53 9.04 -4.87 27.54
C GLY C 53 7.79 -5.51 28.10
N GLU C 54 6.68 -5.41 27.38
CA GLU C 54 5.44 -6.02 27.84
C GLU C 54 5.55 -7.55 27.82
N PHE C 55 6.27 -8.10 26.85
CA PHE C 55 6.43 -9.55 26.79
C PHE C 55 7.42 -9.99 27.88
N LEU C 56 8.39 -9.14 28.16
CA LEU C 56 9.38 -9.40 29.19
C LEU C 56 8.60 -9.48 30.50
N GLU C 57 7.83 -8.43 30.76
CA GLU C 57 7.04 -8.37 31.98
C GLU C 57 6.20 -9.63 32.18
N LEU C 58 5.54 -10.12 31.13
CA LEU C 58 4.72 -11.31 31.23
C LEU C 58 5.53 -12.54 31.63
N CYS C 59 6.66 -12.75 30.96
CA CYS C 59 7.55 -13.88 31.22
C CYS C 59 8.08 -13.83 32.65
N LYS C 60 8.35 -12.62 33.10
CA LYS C 60 8.85 -12.42 34.46
C LYS C 60 7.79 -12.98 35.41
N GLU C 61 6.52 -12.82 35.03
CA GLU C 61 5.40 -13.33 35.84
C GLU C 61 5.19 -14.84 35.74
N GLU C 62 5.66 -15.45 34.66
CA GLU C 62 5.46 -16.88 34.48
C GLU C 62 6.71 -17.73 34.74
N GLY C 63 7.72 -17.12 35.36
CA GLY C 63 8.93 -17.86 35.64
C GLY C 63 9.69 -18.19 34.37
N ILE C 64 9.25 -17.61 33.26
CA ILE C 64 9.91 -17.84 31.99
C ILE C 64 11.12 -16.89 31.87
N GLU C 65 12.29 -17.45 31.61
CA GLU C 65 13.49 -16.63 31.48
C GLU C 65 13.70 -16.16 30.04
N SER C 66 13.82 -14.85 29.86
CA SER C 66 14.00 -14.32 28.53
C SER C 66 14.72 -12.98 28.50
N ILE C 67 15.40 -12.73 27.38
CA ILE C 67 16.12 -11.48 27.21
C ILE C 67 15.52 -10.74 26.03
N GLY C 68 15.45 -9.42 26.13
CA GLY C 68 14.91 -8.63 25.06
C GLY C 68 15.97 -7.83 24.35
N VAL C 69 15.75 -7.53 23.08
CA VAL C 69 16.69 -6.73 22.31
C VAL C 69 15.95 -5.69 21.51
N ASP C 70 16.57 -4.53 21.36
CA ASP C 70 15.98 -3.44 20.63
C ASP C 70 17.12 -2.57 20.10
N ILE C 71 16.82 -1.81 19.08
CA ILE C 71 17.78 -0.92 18.46
C ILE C 71 17.61 0.49 19.03
N ASN C 72 16.50 0.72 19.71
CA ASN C 72 16.20 2.04 20.29
C ASN C 72 16.79 2.26 21.67
N GLU C 73 17.56 3.33 21.82
CA GLU C 73 18.18 3.65 23.10
C GLU C 73 17.11 3.78 24.20
N ASP C 74 16.13 4.63 23.93
CA ASP C 74 15.05 4.93 24.87
C ASP C 74 14.15 3.78 25.25
N MET C 75 14.03 2.81 24.36
CA MET C 75 13.20 1.65 24.62
C MET C 75 13.99 0.76 25.57
N ILE C 76 15.28 0.58 25.32
CA ILE C 76 16.13 -0.23 26.20
C ILE C 76 16.22 0.47 27.57
N LYS C 77 16.36 1.80 27.55
CA LYS C 77 16.45 2.57 28.79
C LYS C 77 15.22 2.32 29.65
N PHE C 78 14.06 2.26 29.00
CA PHE C 78 12.79 2.02 29.69
C PHE C 78 12.78 0.65 30.39
N CYS C 79 13.39 -0.34 29.72
CA CYS C 79 13.42 -1.70 30.24
C CYS C 79 14.44 -2.08 31.31
N GLU C 80 15.72 -1.85 31.02
CA GLU C 80 16.82 -2.21 31.93
C GLU C 80 16.55 -2.22 33.46
N GLY C 81 15.60 -1.40 33.91
CA GLY C 81 15.26 -1.37 35.32
C GLY C 81 14.70 -2.69 35.82
N LYS C 82 13.58 -3.14 35.22
CA LYS C 82 12.93 -4.41 35.58
C LYS C 82 13.31 -5.62 34.73
N PHE C 83 13.93 -5.40 33.56
CA PHE C 83 14.24 -6.54 32.69
C PHE C 83 15.65 -6.58 32.10
N ASN C 84 16.04 -7.77 31.65
CA ASN C 84 17.35 -7.94 31.03
C ASN C 84 17.14 -7.63 29.55
N VAL C 85 17.87 -6.66 29.04
CA VAL C 85 17.76 -6.29 27.65
C VAL C 85 19.14 -5.83 27.15
N VAL C 86 19.28 -5.74 25.84
CA VAL C 86 20.54 -5.27 25.25
C VAL C 86 20.18 -4.44 24.03
N LYS C 87 20.90 -3.34 23.85
CA LYS C 87 20.66 -2.47 22.72
C LYS C 87 21.51 -2.96 21.57
N SER C 88 20.86 -3.48 20.54
CA SER C 88 21.59 -3.98 19.37
C SER C 88 20.67 -4.42 18.25
N ASP C 89 21.23 -4.51 17.06
CA ASP C 89 20.49 -4.95 15.89
C ASP C 89 20.13 -6.41 16.19
N ALA C 90 18.92 -6.82 15.82
CA ALA C 90 18.50 -8.19 16.10
C ALA C 90 19.38 -9.21 15.36
N ILE C 91 19.65 -8.94 14.08
CA ILE C 91 20.49 -9.83 13.27
C ILE C 91 21.84 -10.02 13.97
N GLU C 92 22.41 -8.91 14.45
CA GLU C 92 23.70 -8.96 15.13
C GLU C 92 23.66 -9.71 16.45
N TYR C 93 22.62 -9.52 17.23
CA TYR C 93 22.54 -10.23 18.50
C TYR C 93 22.51 -11.72 18.24
N LEU C 94 21.63 -12.16 17.34
CA LEU C 94 21.53 -13.57 17.01
C LEU C 94 22.87 -14.21 16.65
N LYS C 95 23.63 -13.55 15.79
CA LYS C 95 24.92 -14.07 15.34
C LYS C 95 25.92 -14.23 16.47
N SER C 96 25.69 -13.53 17.58
CA SER C 96 26.59 -13.60 18.71
C SER C 96 26.24 -14.75 19.64
N LEU C 97 25.38 -15.64 19.17
CA LEU C 97 24.95 -16.78 19.98
C LEU C 97 25.36 -18.09 19.34
N PRO C 98 25.42 -19.15 20.13
CA PRO C 98 25.78 -20.43 19.52
C PRO C 98 24.54 -21.00 18.85
N ASP C 99 24.74 -21.95 17.95
CA ASP C 99 23.61 -22.59 17.28
C ASP C 99 22.92 -23.46 18.31
N LYS C 100 21.61 -23.68 18.14
CA LYS C 100 20.83 -24.53 19.04
C LYS C 100 20.97 -24.09 20.50
N TYR C 101 20.73 -22.80 20.72
CA TYR C 101 20.86 -22.21 22.04
C TYR C 101 19.51 -21.77 22.66
N LEU C 102 18.72 -21.01 21.91
CA LEU C 102 17.44 -20.49 22.39
C LEU C 102 16.33 -21.49 22.70
N ASP C 103 15.57 -21.15 23.75
CA ASP C 103 14.44 -21.93 24.26
C ASP C 103 13.15 -21.57 23.51
N GLY C 104 13.17 -20.41 22.87
CA GLY C 104 12.01 -19.93 22.14
C GLY C 104 12.25 -18.52 21.62
N VAL C 105 11.47 -18.12 20.63
CA VAL C 105 11.63 -16.79 20.04
C VAL C 105 10.31 -16.06 19.85
N MET C 106 10.24 -14.84 20.37
CA MET C 106 9.06 -14.01 20.25
C MET C 106 9.38 -12.76 19.42
N ILE C 107 8.62 -12.54 18.36
CA ILE C 107 8.80 -11.39 17.49
C ILE C 107 7.44 -10.73 17.34
N SER C 108 7.16 -9.75 18.20
CA SER C 108 5.89 -9.04 18.17
C SER C 108 6.04 -7.64 17.58
N HIS C 109 5.21 -7.34 16.58
CA HIS C 109 5.22 -6.03 15.92
C HIS C 109 6.62 -5.51 15.61
N PHE C 110 7.42 -6.34 14.95
CA PHE C 110 8.79 -6.00 14.61
C PHE C 110 9.14 -6.17 13.13
N VAL C 111 8.68 -7.26 12.52
CA VAL C 111 8.99 -7.53 11.11
C VAL C 111 8.56 -6.46 10.13
N GLU C 112 7.56 -5.65 10.49
CA GLU C 112 7.10 -4.60 9.61
C GLU C 112 8.07 -3.41 9.73
N HIS C 113 8.79 -3.33 10.83
CA HIS C 113 9.77 -2.25 11.05
C HIS C 113 11.12 -2.67 10.49
N LEU C 114 11.14 -3.71 9.67
CA LEU C 114 12.39 -4.21 9.16
C LEU C 114 12.52 -4.18 7.65
N ASP C 115 13.76 -4.02 7.20
CA ASP C 115 14.08 -3.98 5.78
C ASP C 115 13.76 -5.37 5.21
N PRO C 116 12.89 -5.42 4.19
CA PRO C 116 12.46 -6.65 3.54
C PRO C 116 13.58 -7.65 3.25
N GLU C 117 14.69 -7.15 2.71
CA GLU C 117 15.82 -8.00 2.38
C GLU C 117 16.60 -8.51 3.58
N ARG C 118 16.16 -8.19 4.79
CA ARG C 118 16.88 -8.69 5.94
C ARG C 118 15.98 -9.67 6.69
N LEU C 119 14.71 -9.69 6.30
CA LEU C 119 13.74 -10.57 6.93
C LEU C 119 14.18 -12.03 6.89
N PHE C 120 14.62 -12.46 5.71
CA PHE C 120 15.07 -13.81 5.51
C PHE C 120 16.24 -14.18 6.42
N GLU C 121 17.24 -13.30 6.45
CA GLU C 121 18.41 -13.52 7.28
C GLU C 121 17.98 -13.74 8.70
N LEU C 122 17.19 -12.80 9.20
CA LEU C 122 16.66 -12.83 10.55
C LEU C 122 16.08 -14.20 10.91
N LEU C 123 15.15 -14.65 10.07
CA LEU C 123 14.48 -15.90 10.30
C LEU C 123 15.38 -17.12 10.16
N SER C 124 16.36 -17.06 9.25
CA SER C 124 17.25 -18.19 9.11
C SER C 124 18.11 -18.24 10.37
N LEU C 125 18.52 -17.07 10.87
CA LEU C 125 19.30 -17.00 12.08
C LEU C 125 18.52 -17.54 13.28
N CYS C 126 17.23 -17.22 13.33
CA CYS C 126 16.40 -17.73 14.42
C CYS C 126 16.41 -19.25 14.40
N TYR C 127 16.26 -19.82 13.21
CA TYR C 127 16.23 -21.26 13.03
C TYR C 127 17.50 -21.92 13.57
N SER C 128 18.65 -21.38 13.17
CA SER C 128 19.94 -21.88 13.58
C SER C 128 20.16 -21.83 15.08
N LYS C 129 19.88 -20.65 15.64
CA LYS C 129 20.06 -20.37 17.06
C LYS C 129 19.06 -21.02 18.03
N MET C 130 18.02 -21.66 17.49
CA MET C 130 17.00 -22.32 18.31
C MET C 130 17.29 -23.84 18.41
N LYS C 131 16.91 -24.48 19.51
CA LYS C 131 17.12 -25.91 19.63
C LYS C 131 15.84 -26.68 19.31
N TYR C 132 16.00 -27.91 18.80
CA TYR C 132 14.86 -28.74 18.41
C TYR C 132 13.65 -28.64 19.30
N SER C 133 12.48 -28.62 18.66
CA SER C 133 11.18 -28.53 19.32
C SER C 133 10.90 -27.22 20.04
N SER C 134 11.63 -26.16 19.70
CA SER C 134 11.35 -24.86 20.33
C SER C 134 10.34 -24.12 19.49
N TYR C 135 9.65 -23.16 20.12
CA TYR C 135 8.63 -22.40 19.42
C TYR C 135 9.04 -20.99 19.03
N ILE C 136 8.52 -20.55 17.90
CA ILE C 136 8.75 -19.21 17.42
C ILE C 136 7.38 -18.63 17.14
N VAL C 137 7.16 -17.41 17.61
CA VAL C 137 5.89 -16.74 17.39
C VAL C 137 6.17 -15.37 16.80
N ILE C 138 5.45 -15.07 15.73
CA ILE C 138 5.61 -13.79 15.06
C ILE C 138 4.25 -13.14 15.03
N GLU C 139 4.09 -12.08 15.82
CA GLU C 139 2.84 -11.35 15.86
C GLU C 139 3.02 -9.97 15.22
N SER C 140 2.14 -9.63 14.31
CA SER C 140 2.22 -8.33 13.66
C SER C 140 0.86 -7.93 13.08
N PRO C 141 0.75 -6.70 12.56
CA PRO C 141 -0.51 -6.22 11.99
C PRO C 141 -0.99 -7.04 10.79
N ASN C 142 -2.30 -7.25 10.70
CA ASN C 142 -2.86 -8.03 9.61
C ASN C 142 -3.26 -7.16 8.42
N PRO C 143 -2.60 -7.35 7.26
CA PRO C 143 -2.95 -6.55 6.08
C PRO C 143 -3.97 -7.22 5.17
N THR C 144 -4.56 -8.31 5.62
CA THR C 144 -5.54 -9.01 4.80
C THR C 144 -6.95 -8.48 5.08
N SER C 145 -7.03 -7.46 5.91
CA SER C 145 -8.30 -6.83 6.22
C SER C 145 -8.11 -5.34 5.96
N LEU C 146 -9.00 -4.74 5.16
CA LEU C 146 -8.90 -3.33 4.80
C LEU C 146 -8.70 -2.40 5.99
N TYR C 147 -9.51 -2.61 7.02
CA TYR C 147 -9.42 -1.78 8.22
C TYR C 147 -8.01 -1.74 8.79
N SER C 148 -7.43 -2.90 9.05
CA SER C 148 -6.10 -2.93 9.62
C SER C 148 -4.95 -2.54 8.69
N LEU C 149 -5.09 -2.68 7.37
CA LEU C 149 -3.99 -2.25 6.52
C LEU C 149 -4.00 -0.73 6.36
N ILE C 150 -5.17 -0.12 6.52
CA ILE C 150 -5.27 1.34 6.42
C ILE C 150 -4.51 1.90 7.64
N ASN C 151 -4.79 1.35 8.81
CA ASN C 151 -4.13 1.80 10.02
C ASN C 151 -2.65 1.54 10.04
N PHE C 152 -2.20 0.63 9.17
CA PHE C 152 -0.80 0.29 9.08
C PHE C 152 0.01 1.49 8.60
N TYR C 153 -0.60 2.31 7.75
CA TYR C 153 0.05 3.49 7.22
C TYR C 153 0.15 4.67 8.19
N ILE C 154 -0.38 4.49 9.41
CA ILE C 154 -0.31 5.55 10.41
C ILE C 154 1.15 5.70 10.83
N ASP C 155 1.85 4.58 10.92
CA ASP C 155 3.26 4.57 11.30
C ASP C 155 4.14 4.74 10.06
N PRO C 156 4.73 5.93 9.90
CA PRO C 156 5.61 6.23 8.75
C PRO C 156 6.83 5.32 8.67
N THR C 157 7.31 4.91 9.83
CA THR C 157 8.48 4.04 9.95
C THR C 157 8.19 2.62 9.49
N HIS C 158 6.92 2.32 9.24
CA HIS C 158 6.50 1.00 8.74
C HIS C 158 6.97 0.86 7.30
N LYS C 159 7.40 -0.34 6.93
CA LYS C 159 7.86 -0.61 5.56
C LYS C 159 6.64 -1.11 4.78
N LYS C 160 6.82 -2.16 3.99
CA LYS C 160 5.71 -2.73 3.24
C LYS C 160 4.98 -3.63 4.23
N PRO C 161 3.67 -3.82 4.03
CA PRO C 161 3.03 -4.71 5.01
C PRO C 161 3.59 -6.13 4.83
N VAL C 162 3.61 -6.90 5.91
CA VAL C 162 4.11 -8.27 5.83
C VAL C 162 2.90 -9.19 5.84
N HIS C 163 2.69 -9.88 4.73
CA HIS C 163 1.57 -10.79 4.58
C HIS C 163 1.83 -12.09 5.35
N PRO C 164 0.78 -12.65 6.00
CA PRO C 164 0.97 -13.89 6.76
C PRO C 164 1.55 -15.05 5.93
N GLU C 165 1.11 -15.17 4.68
CA GLU C 165 1.57 -16.25 3.80
C GLU C 165 3.05 -16.20 3.47
N THR C 166 3.61 -14.99 3.35
CA THR C 166 5.03 -14.87 3.04
C THR C 166 5.90 -15.37 4.20
N LEU C 167 5.48 -15.06 5.42
CA LEU C 167 6.20 -15.49 6.60
C LEU C 167 6.13 -17.00 6.73
N LYS C 168 4.97 -17.56 6.42
CA LYS C 168 4.75 -18.99 6.50
C LYS C 168 5.60 -19.73 5.47
N PHE C 169 5.73 -19.16 4.27
CA PHE C 169 6.53 -19.78 3.23
C PHE C 169 8.02 -19.74 3.59
N ILE C 170 8.49 -18.60 4.07
CA ILE C 170 9.89 -18.47 4.44
C ILE C 170 10.35 -19.46 5.50
N LEU C 171 9.61 -19.55 6.61
CA LEU C 171 10.04 -20.45 7.65
C LEU C 171 9.78 -21.92 7.34
N GLU C 172 8.84 -22.22 6.44
CA GLU C 172 8.62 -23.60 6.07
C GLU C 172 9.86 -23.98 5.25
N TYR C 173 10.33 -23.03 4.46
CA TYR C 173 11.52 -23.20 3.64
C TYR C 173 12.76 -23.47 4.51
N LEU C 174 12.85 -22.74 5.62
CA LEU C 174 13.97 -22.86 6.55
C LEU C 174 13.98 -24.19 7.33
N GLY C 175 12.82 -24.84 7.44
CA GLY C 175 12.77 -26.09 8.16
C GLY C 175 11.82 -26.20 9.34
N PHE C 176 11.13 -25.11 9.69
CA PHE C 176 10.18 -25.15 10.79
C PHE C 176 8.94 -25.89 10.30
N ARG C 177 8.21 -26.51 11.21
CA ARG C 177 6.99 -27.20 10.82
C ARG C 177 5.86 -26.85 11.79
N ASP C 178 4.69 -27.42 11.53
CA ASP C 178 3.50 -27.20 12.33
C ASP C 178 3.20 -25.70 12.34
N VAL C 179 3.57 -25.05 11.23
CA VAL C 179 3.37 -23.62 11.07
C VAL C 179 1.91 -23.29 10.91
N LYS C 180 1.37 -22.64 11.93
CA LYS C 180 -0.03 -22.26 11.96
C LYS C 180 -0.20 -20.75 11.86
N ILE C 181 -1.19 -20.32 11.11
CA ILE C 181 -1.46 -18.90 10.98
C ILE C 181 -2.78 -18.67 11.73
N GLU C 182 -2.75 -17.76 12.70
CA GLU C 182 -3.93 -17.44 13.48
C GLU C 182 -4.18 -15.95 13.40
N PHE C 183 -5.42 -15.54 13.63
CA PHE C 183 -5.76 -14.13 13.56
C PHE C 183 -6.43 -13.70 14.84
N PHE C 184 -6.16 -12.47 15.25
CA PHE C 184 -6.69 -11.92 16.48
C PHE C 184 -7.07 -10.46 16.39
N GLU C 185 -7.61 -9.95 17.49
CA GLU C 185 -8.05 -8.56 17.60
C GLU C 185 -9.12 -8.15 16.57
N GLU C 186 -10.23 -8.87 16.57
CA GLU C 186 -11.34 -8.58 15.68
C GLU C 186 -11.80 -7.15 15.94
N CYS C 187 -12.47 -6.55 14.95
CA CYS C 187 -12.99 -5.20 15.08
C CYS C 187 -14.23 -5.25 16.00
N GLU C 188 -14.53 -4.13 16.67
CA GLU C 188 -15.68 -4.13 17.55
C GLU C 188 -16.99 -4.20 16.77
N GLU C 189 -18.00 -4.80 17.40
CA GLU C 189 -19.31 -4.98 16.79
C GLU C 189 -19.84 -3.70 16.17
N LEU C 190 -19.52 -2.55 16.78
CA LEU C 190 -20.01 -1.27 16.27
C LEU C 190 -19.35 -0.77 14.99
N THR C 191 -18.16 -1.31 14.69
CA THR C 191 -17.43 -0.94 13.49
C THR C 191 -17.80 -1.84 12.33
N LYS C 192 -17.96 -3.13 12.61
CA LYS C 192 -18.33 -4.10 11.58
C LYS C 192 -19.77 -3.97 11.12
N LEU C 193 -20.11 -4.71 10.07
CA LEU C 193 -21.46 -4.71 9.53
C LEU C 193 -22.27 -5.63 10.45
N ALA C 194 -23.52 -5.28 10.69
CA ALA C 194 -24.35 -6.10 11.57
C ALA C 194 -25.10 -7.09 10.74
N LYS C 195 -25.51 -8.19 11.36
CA LYS C 195 -26.28 -9.20 10.66
C LYS C 195 -27.75 -8.89 10.77
N ILE C 196 -28.52 -9.47 9.86
CA ILE C 196 -29.95 -9.26 9.87
C ILE C 196 -30.68 -10.49 10.38
N ASP C 197 -31.77 -10.25 11.10
CA ASP C 197 -32.62 -11.32 11.57
C ASP C 197 -34.04 -10.76 11.61
N SER C 198 -34.95 -11.43 10.91
CA SER C 198 -36.34 -11.02 10.88
C SER C 198 -37.18 -12.23 10.50
N ASN C 199 -38.49 -12.12 10.70
CA ASN C 199 -39.38 -13.22 10.36
C ASN C 199 -40.44 -12.80 9.35
N THR C 200 -40.30 -11.60 8.81
CA THR C 200 -41.23 -11.11 7.80
C THR C 200 -40.58 -11.31 6.44
N VAL C 201 -39.30 -11.67 6.46
CA VAL C 201 -38.56 -11.88 5.24
C VAL C 201 -38.17 -13.35 5.06
N SER C 202 -38.18 -13.79 3.81
CA SER C 202 -37.82 -15.15 3.45
C SER C 202 -36.49 -15.59 4.08
N GLU C 203 -36.52 -16.75 4.72
CA GLU C 203 -35.35 -17.31 5.38
C GLU C 203 -34.07 -17.28 4.53
N GLU C 204 -34.10 -17.85 3.33
CA GLU C 204 -32.90 -17.88 2.51
C GLU C 204 -32.42 -16.52 2.03
N VAL C 205 -33.33 -15.56 1.96
CA VAL C 205 -32.91 -14.22 1.56
C VAL C 205 -32.01 -13.70 2.68
N ILE C 206 -32.45 -13.90 3.91
CA ILE C 206 -31.70 -13.48 5.08
C ILE C 206 -30.38 -14.23 5.20
N ARG C 207 -30.41 -15.54 5.00
CA ARG C 207 -29.22 -16.39 5.10
C ARG C 207 -28.10 -16.02 4.14
N VAL C 208 -28.44 -15.68 2.90
CA VAL C 208 -27.48 -15.31 1.88
C VAL C 208 -26.95 -13.90 2.09
N ILE C 209 -27.82 -12.98 2.49
CA ILE C 209 -27.34 -11.63 2.72
C ILE C 209 -26.38 -11.66 3.91
N ASN C 210 -26.68 -12.50 4.89
CA ASN C 210 -25.81 -12.58 6.06
C ASN C 210 -24.44 -13.18 5.76
N GLU C 211 -24.39 -14.20 4.91
CA GLU C 211 -23.11 -14.76 4.59
C GLU C 211 -22.35 -13.82 3.66
N ASN C 212 -23.04 -12.84 3.09
CA ASN C 212 -22.35 -11.85 2.24
C ASN C 212 -21.71 -10.88 3.23
N ILE C 213 -22.44 -10.63 4.32
CA ILE C 213 -21.99 -9.74 5.38
C ILE C 213 -20.76 -10.35 6.05
N GLU C 214 -20.77 -11.67 6.19
CA GLU C 214 -19.68 -12.40 6.80
C GLU C 214 -18.43 -12.23 5.95
N LYS C 215 -18.59 -12.34 4.64
CA LYS C 215 -17.48 -12.17 3.71
C LYS C 215 -17.00 -10.73 3.72
N LEU C 216 -17.93 -9.79 3.76
CA LEU C 216 -17.58 -8.38 3.79
C LEU C 216 -16.80 -8.03 5.07
N ASN C 217 -17.36 -8.38 6.24
CA ASN C 217 -16.70 -8.11 7.51
C ASN C 217 -15.30 -8.72 7.57
N ARG C 218 -15.10 -9.84 6.88
CA ARG C 218 -13.82 -10.51 6.90
C ARG C 218 -12.71 -9.74 6.19
N ILE C 219 -12.99 -9.32 4.95
CA ILE C 219 -11.99 -8.63 4.15
C ILE C 219 -11.93 -7.13 4.43
N LEU C 220 -12.93 -6.62 5.12
CA LEU C 220 -12.95 -5.20 5.42
C LEU C 220 -12.74 -4.88 6.90
N PHE C 221 -13.43 -5.59 7.78
CA PHE C 221 -13.35 -5.36 9.22
C PHE C 221 -13.00 -6.62 10.01
N GLY C 222 -12.05 -7.38 9.49
CA GLY C 222 -11.66 -8.61 10.17
C GLY C 222 -10.59 -8.43 11.23
N PRO C 223 -9.84 -9.50 11.52
CA PRO C 223 -8.76 -9.47 12.52
C PRO C 223 -7.75 -8.38 12.18
N GLN C 224 -7.29 -7.66 13.21
CA GLN C 224 -6.33 -6.59 13.02
C GLN C 224 -4.91 -7.08 13.26
N ASP C 225 -4.82 -8.29 13.81
CA ASP C 225 -3.54 -8.92 14.09
C ASP C 225 -3.48 -10.37 13.65
N TYR C 226 -2.26 -10.83 13.37
CA TYR C 226 -2.07 -12.21 12.98
C TYR C 226 -0.83 -12.74 13.71
N ALA C 227 -0.86 -14.02 14.01
CA ALA C 227 0.27 -14.62 14.68
C ALA C 227 0.61 -15.90 13.95
N ILE C 228 1.86 -16.03 13.55
CA ILE C 228 2.26 -17.26 12.90
C ILE C 228 3.12 -18.02 13.91
N ILE C 229 2.72 -19.26 14.18
CA ILE C 229 3.39 -20.10 15.17
C ILE C 229 4.04 -21.35 14.54
N ALA C 230 5.31 -21.56 14.84
CA ALA C 230 6.02 -22.72 14.31
C ALA C 230 6.85 -23.42 15.39
N LYS C 231 7.12 -24.70 15.19
CA LYS C 231 7.90 -25.50 16.14
C LYS C 231 9.22 -26.02 15.50
N LYS C 232 9.97 -26.83 16.26
CA LYS C 232 11.27 -27.39 15.83
C LYS C 232 12.20 -26.27 15.40
#